data_6Y2K
#
_entry.id   6Y2K
#
_cell.length_a   133.332
_cell.length_b   133.332
_cell.length_c   232.574
_cell.angle_alpha   90.000
_cell.angle_beta   90.000
_cell.angle_gamma   120.000
#
_symmetry.space_group_name_H-M   'P 63 2 2'
#
loop_
_entity.id
_entity.type
_entity.pdbx_description
1 polymer beta-galactosidase
2 non-polymer 'CHLORIDE ION'
3 non-polymer GLYCEROL
4 water water
#
_entity_poly.entity_id   1
_entity_poly.type   'polypeptide(L)'
_entity_poly.pdbx_seq_one_letter_code
;MKLGVCYYPEHWPKSRWVEDAQHMRRIGIQYVRVGEFSWSTIEPTPGELHWEWLDESLDILHSQGLKVILGTPTATPPKW
LVDRHPSMLAKDEAGRVRGFGSRRHYTFASLEYREECRRMVTMMAERYGHHPAVASWQTDNEYGCHDTVLSYAEADLAAF
RLWLAEKYGTVEALNKAWGNVFWSMDYRSFDEIELPNLTVTEANPSHRLDFQRCCSDQVVAFNKLQVDILREHSAGRDLV
HNYMGFFTAFDHHKVGQDLDVASWDSYPLGSLDKEPLYTEDEKHTYLRVGHPDAGAFHHDLYRGCGNGRLWIMEQQPGPV
NWAPHNPTPADGAVRLWTWEAFSHGAELVSYFRWRQAPFGQEQMHAGLLRPDAQEAEAAKEATLVAQEVKVLAESIGLDA
DELMSLPSAGKVALMFDYDACWSLDIQPQSRAYRYFFWCYRMYEAMRELGLSVDIVPSNAPLDMYELLVLPAQAHITPEL
QNRLNSYQGVLLAGPRTGSKTETYQIPENLAPGPLASLLPLTVERVDALPEHTQPAVSGRWGAGKLKHWHEQIKTELPCL
LKDDGGNPVLMGEGRHYYLGSCIDNTLLKASLAKLSEVAGLSTYYLPKGVRVRERGNVIFAFNYSSNTVVFEPQNAELVI
GSMCLGAADVAIWKKQHHHHHH
;
_entity_poly.pdbx_strand_id   A
#
loop_
_chem_comp.id
_chem_comp.type
_chem_comp.name
_chem_comp.formula
CL non-polymer 'CHLORIDE ION' 'Cl -1'
GOL non-polymer GLYCEROL 'C3 H8 O3'
#
# COMPACT_ATOMS: atom_id res chain seq x y z
N MET A 1 7.43 -16.98 7.79
CA MET A 1 6.01 -17.42 8.00
C MET A 1 5.68 -17.54 9.49
N LYS A 2 5.60 -16.39 10.14
CA LYS A 2 5.36 -16.30 11.59
C LYS A 2 4.08 -15.54 11.89
N LEU A 3 3.49 -15.79 13.05
CA LEU A 3 2.25 -15.15 13.48
C LEU A 3 2.48 -14.13 14.58
N GLY A 4 1.62 -13.11 14.61
CA GLY A 4 1.69 -12.04 15.59
C GLY A 4 0.32 -11.59 16.05
N VAL A 5 0.28 -10.71 17.04
CA VAL A 5 -0.97 -10.07 17.44
C VAL A 5 -0.73 -8.65 17.96
N CYS A 6 -1.72 -7.77 17.73
CA CYS A 6 -1.74 -6.42 18.29
C CYS A 6 -2.47 -6.50 19.62
N TYR A 7 -1.85 -5.94 20.67
CA TYR A 7 -2.26 -6.16 22.07
C TYR A 7 -2.27 -4.84 22.86
N TYR A 8 -3.22 -4.72 23.80
CA TYR A 8 -3.39 -3.52 24.62
C TYR A 8 -3.45 -3.90 26.11
N PRO A 9 -2.28 -4.20 26.71
CA PRO A 9 -2.26 -4.55 28.14
C PRO A 9 -2.87 -3.45 29.02
N GLU A 10 -2.68 -2.19 28.62
CA GLU A 10 -3.30 -1.06 29.31
C GLU A 10 -4.85 -1.02 29.29
N HIS A 11 -5.49 -1.83 28.45
CA HIS A 11 -6.95 -1.96 28.46
C HIS A 11 -7.50 -3.03 29.41
N TRP A 12 -6.62 -3.85 30.00
CA TRP A 12 -7.03 -5.02 30.78
C TRP A 12 -6.38 -5.02 32.16
N PRO A 13 -7.07 -5.57 33.18
CA PRO A 13 -6.41 -5.66 34.49
C PRO A 13 -5.14 -6.51 34.44
N LYS A 14 -4.15 -6.16 35.26
CA LYS A 14 -2.86 -6.87 35.33
C LYS A 14 -3.02 -8.36 35.64
N SER A 15 -4.08 -8.73 36.35
CA SER A 15 -4.43 -10.13 36.59
C SER A 15 -4.68 -10.98 35.33
N ARG A 16 -4.94 -10.33 34.19
CA ARG A 16 -5.04 -11.02 32.88
C ARG A 16 -3.72 -11.27 32.16
N TRP A 17 -2.68 -10.51 32.49
CA TRP A 17 -1.49 -10.41 31.63
C TRP A 17 -0.70 -11.71 31.43
N VAL A 18 -0.50 -12.48 32.49
CA VAL A 18 0.27 -13.74 32.36
C VAL A 18 -0.52 -14.72 31.49
N GLU A 19 -1.81 -14.87 31.79
CA GLU A 19 -2.72 -15.71 31.00
C GLU A 19 -2.76 -15.31 29.52
N ASP A 20 -2.82 -14.00 29.23
CA ASP A 20 -2.86 -13.52 27.84
C ASP A 20 -1.63 -14.04 27.10
N ALA A 21 -0.46 -13.86 27.69
CA ALA A 21 0.80 -14.25 27.06
C ALA A 21 0.93 -15.75 26.84
N GLN A 22 0.48 -16.54 27.82
CA GLN A 22 0.48 -18.01 27.73
C GLN A 22 -0.46 -18.49 26.62
N HIS A 23 -1.65 -17.90 26.58
CA HIS A 23 -2.66 -18.19 25.55
C HIS A 23 -2.11 -17.85 24.15
N MET A 24 -1.48 -16.68 24.00
CA MET A 24 -0.83 -16.32 22.73
C MET A 24 0.15 -17.39 22.25
N ARG A 25 1.00 -17.85 23.18
CA ARG A 25 1.98 -18.89 22.89
CA ARG A 25 1.97 -18.90 22.91
C ARG A 25 1.29 -20.18 22.41
N ARG A 26 0.23 -20.58 23.11
CA ARG A 26 -0.51 -21.81 22.75
C ARG A 26 -1.03 -21.78 21.32
N ILE A 27 -1.50 -20.62 20.87
CA ILE A 27 -2.00 -20.44 19.51
C ILE A 27 -0.87 -20.56 18.47
N GLY A 28 0.35 -20.19 18.83
CA GLY A 28 1.47 -20.13 17.90
C GLY A 28 1.94 -18.72 17.57
N ILE A 29 1.41 -17.73 18.30
CA ILE A 29 1.83 -16.33 18.16
CA ILE A 29 1.83 -16.34 18.14
C ILE A 29 3.28 -16.20 18.63
N GLN A 30 4.11 -15.52 17.84
CA GLN A 30 5.52 -15.28 18.18
C GLN A 30 5.89 -13.80 18.40
N TYR A 31 5.09 -12.88 17.84
CA TYR A 31 5.32 -11.43 17.94
C TYR A 31 4.09 -10.73 18.50
N VAL A 32 4.31 -9.70 19.30
CA VAL A 32 3.23 -8.94 19.93
C VAL A 32 3.53 -7.45 19.84
N ARG A 33 2.58 -6.66 19.31
CA ARG A 33 2.73 -5.21 19.26
C ARG A 33 2.03 -4.56 20.46
N VAL A 34 2.71 -3.62 21.11
CA VAL A 34 2.11 -2.81 22.18
C VAL A 34 2.57 -1.35 22.13
N GLY A 35 1.77 -0.46 22.73
CA GLY A 35 2.22 0.88 23.13
C GLY A 35 1.84 2.11 22.31
N GLU A 36 1.38 1.92 21.07
CA GLU A 36 1.19 3.06 20.15
C GLU A 36 0.06 4.05 20.51
N PHE A 37 -0.88 3.67 21.37
CA PHE A 37 -1.92 4.58 21.83
C PHE A 37 -1.85 4.92 23.33
N SER A 38 -0.68 4.74 23.95
CA SER A 38 -0.56 4.75 25.42
C SER A 38 -0.07 6.08 26.06
N TRP A 39 0.06 7.16 25.29
CA TRP A 39 0.61 8.41 25.83
C TRP A 39 -0.15 8.90 27.06
N SER A 40 -1.49 8.87 27.07
CA SER A 40 -2.25 9.30 28.26
C SER A 40 -2.02 8.40 29.49
N THR A 41 -1.64 7.14 29.27
CA THR A 41 -1.26 6.24 30.37
C THR A 41 0.16 6.58 30.86
N ILE A 42 1.06 6.83 29.92
CA ILE A 42 2.46 7.18 30.25
C ILE A 42 2.56 8.54 30.95
N GLU A 43 1.87 9.55 30.41
CA GLU A 43 2.00 10.94 30.88
C GLU A 43 0.62 11.61 30.92
N PRO A 44 -0.19 11.29 31.96
CA PRO A 44 -1.53 11.87 32.06
C PRO A 44 -1.54 13.37 32.32
N THR A 45 -0.46 13.89 32.91
CA THR A 45 -0.26 15.32 33.12
C THR A 45 1.24 15.55 32.94
N PRO A 46 1.66 16.70 32.38
CA PRO A 46 3.07 16.86 31.98
C PRO A 46 4.07 16.69 33.11
N GLY A 47 5.07 15.85 32.87
CA GLY A 47 6.14 15.61 33.81
C GLY A 47 5.89 14.50 34.81
N GLU A 48 4.70 13.93 34.82
CA GLU A 48 4.34 12.83 35.75
C GLU A 48 4.22 11.55 34.92
N LEU A 49 5.28 10.75 34.96
CA LEU A 49 5.44 9.63 34.04
C LEU A 49 5.17 8.31 34.72
N HIS A 50 4.59 7.39 33.96
CA HIS A 50 4.21 6.07 34.44
C HIS A 50 4.72 5.02 33.45
N TRP A 51 5.89 4.44 33.77
CA TRP A 51 6.50 3.36 32.99
C TRP A 51 6.31 1.98 33.60
N GLU A 52 5.91 1.89 34.87
CA GLU A 52 5.80 0.61 35.57
C GLU A 52 4.96 -0.43 34.81
N TRP A 53 3.80 0.00 34.29
CA TRP A 53 2.89 -0.89 33.53
C TRP A 53 3.62 -1.55 32.35
N LEU A 54 4.39 -0.76 31.62
CA LEU A 54 5.07 -1.22 30.41
C LEU A 54 6.31 -2.03 30.77
N ASP A 55 7.05 -1.60 31.79
CA ASP A 55 8.17 -2.38 32.34
C ASP A 55 7.73 -3.81 32.66
N GLU A 56 6.59 -3.94 33.34
CA GLU A 56 6.06 -5.25 33.74
C GLU A 56 5.52 -6.05 32.58
N SER A 57 4.79 -5.39 31.67
CA SER A 57 4.21 -6.06 30.51
C SER A 57 5.30 -6.66 29.60
N LEU A 58 6.34 -5.90 29.31
CA LEU A 58 7.42 -6.39 28.46
C LEU A 58 8.10 -7.61 29.10
N ASP A 59 8.30 -7.58 30.42
CA ASP A 59 8.91 -8.74 31.11
C ASP A 59 8.03 -9.99 31.02
N ILE A 60 6.72 -9.84 31.20
CA ILE A 60 5.78 -10.97 31.10
C ILE A 60 5.80 -11.58 29.69
N LEU A 61 5.72 -10.72 28.67
CA LEU A 61 5.77 -11.16 27.28
C LEU A 61 7.10 -11.87 26.96
N HIS A 62 8.22 -11.31 27.43
CA HIS A 62 9.54 -11.93 27.26
C HIS A 62 9.61 -13.32 27.91
N SER A 63 9.04 -13.46 29.10
CA SER A 63 9.07 -14.73 29.84
C SER A 63 8.36 -15.90 29.14
N GLN A 64 7.43 -15.58 28.23
CA GLN A 64 6.77 -16.58 27.39
C GLN A 64 7.42 -16.75 26.01
N GLY A 65 8.57 -16.13 25.79
CA GLY A 65 9.28 -16.20 24.52
C GLY A 65 8.73 -15.33 23.39
N LEU A 66 7.88 -14.37 23.72
CA LEU A 66 7.27 -13.48 22.72
C LEU A 66 8.18 -12.29 22.44
N LYS A 67 8.39 -12.01 21.16
CA LYS A 67 9.17 -10.89 20.70
C LYS A 67 8.26 -9.68 20.53
N VAL A 68 8.68 -8.52 21.01
CA VAL A 68 7.79 -7.36 21.08
C VAL A 68 8.11 -6.32 20.00
N ILE A 69 7.06 -5.81 19.37
CA ILE A 69 7.12 -4.65 18.49
C ILE A 69 6.58 -3.48 19.31
N LEU A 70 7.44 -2.52 19.63
CA LEU A 70 7.06 -1.41 20.52
C LEU A 70 6.64 -0.22 19.66
N GLY A 71 5.44 0.29 19.86
CA GLY A 71 4.97 1.46 19.10
C GLY A 71 5.23 2.78 19.81
N THR A 72 5.80 3.77 19.11
CA THR A 72 5.87 5.13 19.65
C THR A 72 4.43 5.67 19.65
N PRO A 73 4.05 6.42 20.70
CA PRO A 73 2.66 6.79 20.93
C PRO A 73 2.20 8.12 20.30
N THR A 74 2.87 8.54 19.23
CA THR A 74 2.70 9.89 18.70
C THR A 74 1.45 10.11 17.82
N ALA A 75 0.72 9.05 17.51
CA ALA A 75 -0.54 9.16 16.75
C ALA A 75 -1.65 9.81 17.55
N THR A 76 -1.59 9.65 18.87
CA THR A 76 -2.64 10.10 19.79
C THR A 76 -2.04 10.84 20.99
N PRO A 77 -1.55 12.08 20.78
CA PRO A 77 -1.05 12.86 21.92
C PRO A 77 -2.19 13.31 22.85
N PRO A 78 -1.89 13.53 24.15
CA PRO A 78 -2.96 13.84 25.10
C PRO A 78 -3.52 15.25 24.98
N LYS A 79 -4.68 15.48 25.56
CA LYS A 79 -5.37 16.78 25.46
C LYS A 79 -4.57 17.92 26.10
N TRP A 80 -3.90 17.65 27.22
CA TRP A 80 -3.06 18.69 27.84
C TRP A 80 -1.98 19.19 26.88
N LEU A 81 -1.45 18.30 26.05
CA LEU A 81 -0.41 18.67 25.07
C LEU A 81 -1.01 19.49 23.92
N VAL A 82 -2.16 19.06 23.41
CA VAL A 82 -2.91 19.81 22.39
C VAL A 82 -3.22 21.23 22.88
N ASP A 83 -3.70 21.36 24.11
CA ASP A 83 -4.03 22.66 24.68
C ASP A 83 -2.81 23.59 24.79
N ARG A 84 -1.64 23.00 25.04
CA ARG A 84 -0.38 23.76 25.06
C ARG A 84 0.12 24.22 23.69
N HIS A 85 -0.27 23.51 22.63
CA HIS A 85 0.22 23.77 21.29
C HIS A 85 -0.91 23.86 20.27
N PRO A 86 -1.74 24.91 20.33
CA PRO A 86 -2.85 25.06 19.37
C PRO A 86 -2.42 25.08 17.90
N SER A 87 -1.22 25.56 17.61
CA SER A 87 -0.68 25.54 16.24
C SER A 87 -0.36 24.12 15.70
N MET A 88 -0.40 23.09 16.54
CA MET A 88 -0.20 21.71 16.09
C MET A 88 -1.40 21.13 15.35
N LEU A 89 -2.59 21.69 15.57
CA LEU A 89 -3.80 21.13 14.98
C LEU A 89 -3.92 21.41 13.50
N ALA A 90 -4.29 20.39 12.74
CA ALA A 90 -4.55 20.51 11.31
C ALA A 90 -5.84 21.30 11.05
N LYS A 91 -5.96 21.80 9.83
CA LYS A 91 -7.26 22.23 9.30
C LYS A 91 -7.60 21.43 8.08
N ASP A 92 -8.88 21.07 7.95
CA ASP A 92 -9.36 20.35 6.78
C ASP A 92 -9.44 21.28 5.55
N GLU A 93 -9.80 20.71 4.43
CA GLU A 93 -9.91 21.43 3.15
C GLU A 93 -10.92 22.57 3.21
N ALA A 94 -11.95 22.40 4.03
CA ALA A 94 -12.95 23.44 4.27
C ALA A 94 -12.50 24.55 5.20
N GLY A 95 -11.30 24.47 5.76
CA GLY A 95 -10.77 25.49 6.65
C GLY A 95 -11.06 25.33 8.13
N ARG A 96 -11.66 24.21 8.54
CA ARG A 96 -12.02 23.97 9.96
C ARG A 96 -10.96 23.18 10.70
N VAL A 97 -10.78 23.51 11.97
CA VAL A 97 -9.79 22.83 12.81
C VAL A 97 -10.23 21.36 12.99
N ARG A 98 -9.25 20.46 12.92
CA ARG A 98 -9.48 19.05 13.14
C ARG A 98 -9.07 18.74 14.59
N GLY A 99 -10.07 18.62 15.46
CA GLY A 99 -9.84 18.66 16.90
C GLY A 99 -9.55 17.33 17.57
N PHE A 100 -9.11 17.43 18.82
CA PHE A 100 -9.04 16.32 19.78
C PHE A 100 -10.41 15.65 19.99
N GLY A 101 -10.36 14.37 20.36
CA GLY A 101 -11.54 13.55 20.66
C GLY A 101 -11.61 12.25 19.90
N SER A 102 -10.70 12.07 18.93
CA SER A 102 -10.56 10.83 18.17
C SER A 102 -9.06 10.49 18.14
N ARG A 103 -8.44 10.45 16.96
CA ARG A 103 -6.99 10.20 16.86
C ARG A 103 -6.42 10.97 15.67
N ARG A 104 -5.08 11.02 15.60
CA ARG A 104 -4.33 11.66 14.51
C ARG A 104 -4.56 13.18 14.42
N HIS A 105 -4.75 13.80 15.58
CA HIS A 105 -5.00 15.27 15.70
C HIS A 105 -3.69 16.07 15.73
N TYR A 106 -3.00 16.08 14.61
CA TYR A 106 -1.86 16.96 14.39
C TYR A 106 -1.60 17.11 12.89
N THR A 107 -0.98 18.22 12.52
CA THR A 107 -0.40 18.34 11.19
C THR A 107 1.08 17.97 11.27
N PHE A 108 1.54 17.22 10.27
CA PHE A 108 2.96 16.83 10.13
C PHE A 108 3.89 18.05 10.01
N ALA A 109 3.35 19.20 9.61
CA ALA A 109 4.14 20.43 9.47
C ALA A 109 4.45 21.13 10.80
N SER A 110 3.77 20.73 11.88
CA SER A 110 3.93 21.40 13.17
C SER A 110 5.30 21.16 13.76
N LEU A 111 6.11 22.21 13.85
CA LEU A 111 7.44 22.10 14.44
C LEU A 111 7.38 21.94 15.97
N GLU A 112 6.39 22.58 16.59
CA GLU A 112 6.16 22.42 18.03
C GLU A 112 5.85 20.97 18.38
N TYR A 113 4.96 20.31 17.64
CA TYR A 113 4.65 18.90 17.94
C TYR A 113 5.84 17.99 17.63
N ARG A 114 6.61 18.30 16.59
CA ARG A 114 7.83 17.53 16.32
C ARG A 114 8.81 17.54 17.50
N GLU A 115 8.96 18.69 18.16
CA GLU A 115 9.83 18.77 19.34
CA GLU A 115 9.81 18.81 19.36
C GLU A 115 9.25 17.93 20.49
N GLU A 116 7.92 17.96 20.68
CA GLU A 116 7.30 17.08 21.69
C GLU A 116 7.52 15.60 21.35
N CYS A 117 7.44 15.25 20.05
CA CYS A 117 7.73 13.89 19.61
C CYS A 117 9.20 13.51 19.87
N ARG A 118 10.13 14.44 19.59
CA ARG A 118 11.54 14.23 19.88
CA ARG A 118 11.54 14.24 19.89
C ARG A 118 11.75 13.87 21.36
N ARG A 119 11.07 14.62 22.25
CA ARG A 119 11.16 14.38 23.70
CA ARG A 119 11.17 14.39 23.69
C ARG A 119 10.66 13.00 24.09
N MET A 120 9.45 12.65 23.66
CA MET A 120 8.83 11.38 24.07
C MET A 120 9.52 10.16 23.46
N VAL A 121 9.88 10.25 22.18
CA VAL A 121 10.54 9.13 21.52
C VAL A 121 11.94 8.91 22.11
N THR A 122 12.64 9.99 22.43
CA THR A 122 13.92 9.89 23.13
C THR A 122 13.75 9.23 24.51
N MET A 123 12.77 9.68 25.28
CA MET A 123 12.47 9.05 26.58
C MET A 123 12.24 7.55 26.45
N MET A 124 11.39 7.15 25.52
CA MET A 124 11.06 5.72 25.29
C MET A 124 12.23 4.90 24.79
N ALA A 125 12.92 5.43 23.79
CA ALA A 125 14.08 4.76 23.20
C ALA A 125 15.25 4.58 24.19
N GLU A 126 15.46 5.55 25.08
CA GLU A 126 16.49 5.44 26.10
CA GLU A 126 16.47 5.46 26.13
C GLU A 126 16.10 4.36 27.12
N ARG A 127 14.84 4.33 27.53
CA ARG A 127 14.39 3.33 28.51
C ARG A 127 14.35 1.89 27.96
N TYR A 128 13.86 1.72 26.73
CA TYR A 128 13.53 0.39 26.20
C TYR A 128 14.33 -0.05 24.98
N GLY A 129 15.17 0.83 24.44
CA GLY A 129 15.92 0.53 23.21
C GLY A 129 16.83 -0.68 23.27
N HIS A 130 17.25 -1.07 24.49
CA HIS A 130 18.07 -2.30 24.69
C HIS A 130 17.38 -3.37 25.53
N HIS A 131 16.08 -3.26 25.71
CA HIS A 131 15.32 -4.25 26.46
C HIS A 131 15.31 -5.55 25.63
N PRO A 132 15.60 -6.71 26.26
CA PRO A 132 15.69 -7.96 25.48
C PRO A 132 14.38 -8.46 24.85
N ALA A 133 13.24 -8.01 25.37
CA ALA A 133 11.93 -8.26 24.75
C ALA A 133 11.70 -7.50 23.43
N VAL A 134 12.33 -6.35 23.27
CA VAL A 134 12.00 -5.46 22.14
C VAL A 134 12.81 -5.86 20.90
N ALA A 135 12.11 -6.40 19.91
CA ALA A 135 12.73 -6.83 18.66
C ALA A 135 12.60 -5.78 17.54
N SER A 136 11.64 -4.86 17.70
CA SER A 136 11.24 -3.97 16.63
C SER A 136 10.52 -2.75 17.19
N TRP A 137 10.54 -1.65 16.42
CA TRP A 137 9.73 -0.47 16.76
C TRP A 137 8.82 -0.09 15.60
N GLN A 138 7.55 0.20 15.91
CA GLN A 138 6.64 0.84 14.95
C GLN A 138 6.61 2.34 15.25
N THR A 139 6.94 3.17 14.26
CA THR A 139 6.81 4.63 14.42
C THR A 139 5.34 5.03 14.27
N ASP A 140 4.81 5.73 15.27
CA ASP A 140 3.48 6.34 15.17
C ASP A 140 2.43 5.21 14.90
N ASN A 141 1.42 5.49 14.07
CA ASN A 141 0.40 4.51 13.72
C ASN A 141 -0.41 5.02 12.52
N GLU A 142 -0.24 4.40 11.37
CA GLU A 142 -1.02 4.68 10.16
C GLU A 142 -0.99 6.16 9.78
N TYR A 143 0.21 6.63 9.45
CA TYR A 143 0.41 7.96 8.90
C TYR A 143 -0.63 8.17 7.82
N GLY A 144 -1.31 9.31 7.87
CA GLY A 144 -2.25 9.71 6.82
C GLY A 144 -3.68 9.23 7.02
N CYS A 145 -3.92 8.27 7.92
CA CYS A 145 -5.28 7.74 8.11
C CYS A 145 -6.26 8.87 8.38
N HIS A 146 -7.48 8.74 7.86
CA HIS A 146 -8.51 9.78 7.96
C HIS A 146 -8.11 11.05 7.18
N ASP A 147 -7.32 10.87 6.11
CA ASP A 147 -6.89 11.97 5.24
C ASP A 147 -6.16 13.08 6.00
N THR A 148 -5.10 12.68 6.71
CA THR A 148 -4.35 13.59 7.58
C THR A 148 -2.98 14.02 7.02
N VAL A 149 -2.68 13.67 5.77
CA VAL A 149 -1.45 14.16 5.11
C VAL A 149 -1.63 15.62 4.73
N LEU A 150 -2.66 15.92 3.93
CA LEU A 150 -2.96 17.30 3.54
C LEU A 150 -3.64 18.02 4.70
N SER A 151 -3.09 19.18 5.07
CA SER A 151 -3.63 20.03 6.12
C SER A 151 -3.47 21.47 5.67
N TYR A 152 -4.37 22.33 6.13
CA TYR A 152 -4.52 23.67 5.58
C TYR A 152 -4.48 24.74 6.68
N ALA A 153 -3.57 24.55 7.62
CA ALA A 153 -3.34 25.47 8.73
C ALA A 153 -2.11 26.32 8.45
N GLU A 154 -1.89 27.31 9.31
CA GLU A 154 -0.75 28.24 9.17
C GLU A 154 0.59 27.51 9.11
N ALA A 155 0.77 26.49 9.94
CA ALA A 155 2.01 25.72 9.95
C ALA A 155 2.30 25.04 8.60
N ASP A 156 1.25 24.57 7.93
CA ASP A 156 1.38 23.93 6.62
C ASP A 156 1.81 24.95 5.56
N LEU A 157 1.27 26.16 5.64
CA LEU A 157 1.62 27.22 4.68
C LEU A 157 3.06 27.67 4.88
N ALA A 158 3.47 27.79 6.15
CA ALA A 158 4.83 28.19 6.48
C ALA A 158 5.84 27.19 5.93
N ALA A 159 5.58 25.90 6.15
CA ALA A 159 6.43 24.84 5.61
C ALA A 159 6.44 24.83 4.08
N PHE A 160 5.29 25.11 3.45
CA PHE A 160 5.16 25.11 1.98
C PHE A 160 6.01 26.22 1.36
N ARG A 161 5.94 27.41 1.92
CA ARG A 161 6.74 28.53 1.38
C ARG A 161 8.25 28.27 1.49
N LEU A 162 8.69 27.65 2.59
CA LEU A 162 10.10 27.26 2.74
C LEU A 162 10.51 26.17 1.76
N TRP A 163 9.63 25.16 1.62
CA TRP A 163 9.85 24.06 0.68
C TRP A 163 9.95 24.54 -0.77
N LEU A 164 9.10 25.50 -1.16
CA LEU A 164 9.14 26.07 -2.51
C LEU A 164 10.43 26.86 -2.79
N ALA A 165 10.90 27.63 -1.80
CA ALA A 165 12.18 28.36 -1.92
C ALA A 165 13.34 27.39 -2.13
N GLU A 166 13.34 26.30 -1.36
CA GLU A 166 14.36 25.25 -1.49
C GLU A 166 14.34 24.58 -2.87
N LYS A 167 13.15 24.30 -3.39
CA LYS A 167 13.02 23.68 -4.71
C LYS A 167 13.40 24.62 -5.85
N TYR A 168 12.87 25.83 -5.86
CA TYR A 168 13.00 26.73 -7.01
C TYR A 168 14.10 27.81 -6.91
N GLY A 169 14.50 28.16 -5.69
CA GLY A 169 15.48 29.23 -5.46
C GLY A 169 14.89 30.63 -5.52
N THR A 170 14.31 30.99 -6.67
CA THR A 170 13.66 32.29 -6.86
C THR A 170 12.19 32.08 -7.20
N VAL A 171 11.36 33.06 -6.83
CA VAL A 171 9.95 33.03 -7.24
C VAL A 171 9.77 33.13 -8.76
N GLU A 172 10.73 33.77 -9.45
CA GLU A 172 10.73 33.86 -10.90
C GLU A 172 10.75 32.47 -11.52
N ALA A 173 11.62 31.60 -11.00
CA ALA A 173 11.72 30.22 -11.44
C ALA A 173 10.44 29.43 -11.18
N LEU A 174 9.82 29.66 -10.03
CA LEU A 174 8.54 29.04 -9.70
C LEU A 174 7.44 29.50 -10.68
N ASN A 175 7.36 30.80 -10.96
CA ASN A 175 6.34 31.34 -11.86
C ASN A 175 6.47 30.74 -13.27
N LYS A 176 7.71 30.52 -13.71
CA LYS A 176 7.96 29.90 -14.99
C LYS A 176 7.56 28.42 -15.01
N ALA A 177 7.95 27.69 -13.96
CA ALA A 177 7.59 26.28 -13.81
C ALA A 177 6.08 26.01 -13.70
N TRP A 178 5.36 26.87 -12.98
CA TRP A 178 3.90 26.74 -12.79
C TRP A 178 3.06 27.34 -13.95
N GLY A 179 3.68 28.14 -14.81
CA GLY A 179 2.95 28.85 -15.87
C GLY A 179 2.00 29.93 -15.33
N ASN A 180 2.46 30.67 -14.32
CA ASN A 180 1.60 31.62 -13.59
C ASN A 180 1.23 32.88 -14.37
N VAL A 181 1.75 33.05 -15.60
CA VAL A 181 1.20 34.03 -16.53
C VAL A 181 -0.30 33.80 -16.77
N PHE A 182 -0.69 32.52 -16.77
CA PHE A 182 -2.09 32.11 -16.91
C PHE A 182 -2.95 32.66 -15.77
N TRP A 183 -4.08 33.28 -16.14
CA TRP A 183 -4.99 33.93 -15.20
C TRP A 183 -4.31 34.89 -14.21
N SER A 184 -3.24 35.56 -14.65
CA SER A 184 -2.49 36.51 -13.81
C SER A 184 -2.18 35.98 -12.40
N MET A 185 -1.68 34.75 -12.33
CA MET A 185 -1.35 34.10 -11.06
C MET A 185 0.03 34.51 -10.50
N ASP A 186 0.83 35.23 -11.28
CA ASP A 186 2.25 35.53 -10.93
C ASP A 186 2.43 36.09 -9.52
N TYR A 187 3.35 35.47 -8.78
CA TYR A 187 3.73 35.92 -7.43
C TYR A 187 5.00 36.76 -7.46
N ARG A 188 5.01 37.83 -6.66
CA ARG A 188 6.18 38.67 -6.47
C ARG A 188 7.21 38.05 -5.53
N SER A 189 6.76 37.13 -4.67
CA SER A 189 7.61 36.50 -3.68
C SER A 189 6.96 35.19 -3.20
N PHE A 190 7.75 34.34 -2.56
CA PHE A 190 7.18 33.11 -2.00
C PHE A 190 6.11 33.39 -0.96
N ASP A 191 6.24 34.49 -0.20
CA ASP A 191 5.29 34.82 0.88
CA ASP A 191 5.27 34.78 0.87
C ASP A 191 3.95 35.38 0.38
N GLU A 192 3.80 35.56 -0.93
CA GLU A 192 2.49 35.85 -1.53
C GLU A 192 1.68 34.58 -1.81
N ILE A 193 2.34 33.42 -1.87
CA ILE A 193 1.71 32.17 -2.26
C ILE A 193 0.85 31.66 -1.10
N GLU A 194 -0.38 31.27 -1.42
CA GLU A 194 -1.34 30.76 -0.44
C GLU A 194 -1.48 29.25 -0.57
N LEU A 195 -2.22 28.66 0.37
CA LEU A 195 -2.63 27.26 0.26
C LEU A 195 -3.59 27.13 -0.93
N PRO A 196 -3.65 25.94 -1.57
CA PRO A 196 -4.52 25.73 -2.73
C PRO A 196 -6.01 25.44 -2.43
N ASN A 197 -6.43 25.47 -1.17
CA ASN A 197 -7.85 25.27 -0.84
C ASN A 197 -8.58 26.61 -0.81
N LEU A 198 -9.92 26.54 -0.80
CA LEU A 198 -10.77 27.73 -0.69
C LEU A 198 -10.51 28.81 -1.75
N THR A 199 -10.10 28.39 -2.94
CA THR A 199 -9.98 29.28 -4.08
C THR A 199 -11.35 29.41 -4.73
N VAL A 200 -11.55 30.43 -5.55
CA VAL A 200 -12.84 30.63 -6.24
C VAL A 200 -13.22 29.37 -7.02
N THR A 201 -12.28 28.89 -7.83
CA THR A 201 -12.45 27.69 -8.63
C THR A 201 -11.12 26.94 -8.68
N GLU A 202 -10.94 26.06 -9.66
CA GLU A 202 -9.74 25.20 -9.77
C GLU A 202 -8.40 25.94 -9.62
N ALA A 203 -7.58 25.50 -8.66
CA ALA A 203 -6.23 26.02 -8.48
C ALA A 203 -5.29 25.43 -9.55
N ASN A 204 -4.14 26.06 -9.74
CA ASN A 204 -3.17 25.62 -10.74
C ASN A 204 -2.77 24.19 -10.40
N PRO A 205 -2.84 23.25 -11.38
CA PRO A 205 -2.37 21.90 -11.05
C PRO A 205 -0.92 21.80 -10.56
N SER A 206 -0.05 22.73 -11.01
CA SER A 206 1.34 22.79 -10.54
C SER A 206 1.41 23.13 -9.05
N HIS A 207 0.56 24.07 -8.65
CA HIS A 207 0.39 24.49 -7.26
C HIS A 207 -0.08 23.32 -6.40
N ARG A 208 -1.08 22.60 -6.87
CA ARG A 208 -1.63 21.47 -6.12
C ARG A 208 -0.65 20.31 -6.03
N LEU A 209 0.10 20.06 -7.11
CA LEU A 209 1.06 18.96 -7.13
C LEU A 209 2.26 19.21 -6.20
N ASP A 210 2.85 20.39 -6.29
CA ASP A 210 3.91 20.81 -5.35
C ASP A 210 3.42 20.82 -3.89
N PHE A 211 2.17 21.21 -3.66
CA PHE A 211 1.61 21.14 -2.31
C PHE A 211 1.54 19.69 -1.79
N GLN A 212 1.09 18.76 -2.65
CA GLN A 212 1.05 17.35 -2.27
C GLN A 212 2.43 16.82 -1.96
N ARG A 213 3.39 17.17 -2.81
CA ARG A 213 4.78 16.76 -2.64
C ARG A 213 5.34 17.27 -1.32
N CYS A 214 5.06 18.54 -1.02
CA CYS A 214 5.54 19.15 0.23
C CYS A 214 4.94 18.46 1.45
N CYS A 215 3.62 18.28 1.46
CA CYS A 215 2.94 17.58 2.55
C CYS A 215 3.47 16.15 2.74
N SER A 216 3.70 15.45 1.64
CA SER A 216 4.30 14.13 1.69
C SER A 216 5.70 14.20 2.34
N ASP A 217 6.51 15.16 1.90
CA ASP A 217 7.82 15.38 2.52
C ASP A 217 7.79 15.68 4.02
N GLN A 218 6.72 16.31 4.51
CA GLN A 218 6.55 16.53 5.95
C GLN A 218 6.33 15.21 6.70
N VAL A 219 5.65 14.26 6.05
CA VAL A 219 5.52 12.90 6.61
C VAL A 219 6.90 12.24 6.68
N VAL A 220 7.67 12.35 5.60
CA VAL A 220 9.05 11.82 5.55
C VAL A 220 9.87 12.40 6.71
N ALA A 221 9.84 13.72 6.88
CA ALA A 221 10.60 14.42 7.94
C ALA A 221 10.16 14.04 9.36
N PHE A 222 8.85 13.98 9.57
CA PHE A 222 8.26 13.56 10.85
C PHE A 222 8.70 12.16 11.25
N ASN A 223 8.70 11.25 10.28
CA ASN A 223 9.13 9.88 10.50
C ASN A 223 10.66 9.79 10.73
N LYS A 224 11.41 10.54 9.93
CA LYS A 224 12.87 10.54 9.99
C LYS A 224 13.43 10.98 11.36
N LEU A 225 12.76 11.92 12.01
CA LEU A 225 13.22 12.33 13.34
C LEU A 225 13.13 11.18 14.35
N GLN A 226 12.08 10.37 14.26
CA GLN A 226 11.93 9.21 15.13
C GLN A 226 12.95 8.12 14.78
N VAL A 227 13.12 7.87 13.48
CA VAL A 227 14.11 6.88 13.01
C VAL A 227 15.52 7.21 13.52
N ASP A 228 15.93 8.47 13.43
CA ASP A 228 17.28 8.86 13.87
C ASP A 228 17.51 8.56 15.36
N ILE A 229 16.50 8.85 16.19
CA ILE A 229 16.54 8.53 17.62
C ILE A 229 16.61 7.03 17.86
N LEU A 230 15.79 6.26 17.14
CA LEU A 230 15.73 4.82 17.31
C LEU A 230 17.00 4.12 16.80
N ARG A 231 17.61 4.62 15.72
CA ARG A 231 18.92 4.11 15.25
C ARG A 231 20.02 4.26 16.30
N GLU A 232 20.04 5.42 16.97
CA GLU A 232 21.03 5.73 18.00
C GLU A 232 20.85 4.84 19.22
N HIS A 233 19.62 4.78 19.74
CA HIS A 233 19.35 4.16 21.03
C HIS A 233 18.79 2.74 20.99
N SER A 234 18.48 2.22 19.81
CA SER A 234 17.96 0.85 19.68
C SER A 234 18.53 0.14 18.47
N ALA A 235 19.87 0.14 18.37
CA ALA A 235 20.60 -0.59 17.34
C ALA A 235 20.20 -2.05 17.28
N GLY A 236 20.06 -2.57 16.06
CA GLY A 236 19.68 -3.95 15.84
C GLY A 236 18.19 -4.23 15.76
N ARG A 237 17.34 -3.28 16.17
CA ARG A 237 15.88 -3.46 16.13
C ARG A 237 15.34 -3.08 14.75
N ASP A 238 14.39 -3.87 14.23
CA ASP A 238 13.73 -3.56 12.97
C ASP A 238 12.80 -2.38 13.13
N LEU A 239 13.02 -1.33 12.34
CA LEU A 239 12.13 -0.16 12.35
C LEU A 239 11.12 -0.32 11.23
N VAL A 240 9.85 -0.16 11.57
CA VAL A 240 8.73 -0.45 10.68
C VAL A 240 7.66 0.61 10.83
N HIS A 241 6.88 0.82 9.78
CA HIS A 241 5.64 1.57 9.87
C HIS A 241 4.49 0.74 9.28
N ASN A 242 3.27 1.00 9.77
CA ASN A 242 2.08 0.27 9.33
C ASN A 242 1.26 1.11 8.32
N TYR A 243 1.38 0.73 7.05
CA TYR A 243 0.68 1.38 5.94
C TYR A 243 -0.70 0.77 5.74
N MET A 244 -1.48 1.36 4.83
CA MET A 244 -2.90 1.01 4.69
C MET A 244 -3.25 0.58 3.28
N GLY A 245 -4.39 -0.09 3.15
CA GLY A 245 -4.99 -0.39 1.86
C GLY A 245 -5.61 0.88 1.28
N PHE A 246 -5.43 1.09 -0.02
CA PHE A 246 -6.24 2.08 -0.78
C PHE A 246 -5.97 3.48 -0.26
N PHE A 247 -4.68 3.79 -0.14
CA PHE A 247 -4.23 5.06 0.44
C PHE A 247 -2.96 5.54 -0.25
N THR A 248 -3.03 6.72 -0.85
CA THR A 248 -1.97 7.20 -1.74
C THR A 248 -1.45 8.62 -1.46
N ALA A 249 -1.83 9.21 -0.34
CA ALA A 249 -1.60 10.64 -0.10
C ALA A 249 -0.16 11.03 0.24
N PHE A 250 0.69 10.09 0.65
CA PHE A 250 2.13 10.32 0.75
C PHE A 250 2.93 9.26 0.00
N ASP A 251 4.18 9.57 -0.27
CA ASP A 251 5.08 8.67 -0.99
C ASP A 251 5.60 7.58 -0.04
N HIS A 252 5.03 6.38 -0.16
CA HIS A 252 5.36 5.27 0.73
C HIS A 252 6.74 4.67 0.41
N HIS A 253 7.20 4.79 -0.83
CA HIS A 253 8.56 4.37 -1.17
C HIS A 253 9.60 5.25 -0.46
N LYS A 254 9.33 6.55 -0.41
CA LYS A 254 10.28 7.51 0.17
C LYS A 254 10.35 7.37 1.69
N VAL A 255 9.19 7.25 2.34
CA VAL A 255 9.15 6.94 3.79
C VAL A 255 9.87 5.62 4.05
N GLY A 256 9.65 4.63 3.18
CA GLY A 256 10.27 3.32 3.28
C GLY A 256 11.79 3.28 3.22
N GLN A 257 12.42 4.27 2.56
CA GLN A 257 13.89 4.39 2.50
CA GLN A 257 13.88 4.32 2.50
C GLN A 257 14.52 4.49 3.89
N ASP A 258 13.77 5.06 4.84
CA ASP A 258 14.26 5.27 6.20
C ASP A 258 13.92 4.14 7.18
N LEU A 259 13.30 3.07 6.69
CA LEU A 259 12.84 1.98 7.55
C LEU A 259 13.39 0.65 7.05
N ASP A 260 13.29 -0.37 7.90
CA ASP A 260 13.78 -1.72 7.59
C ASP A 260 12.72 -2.62 6.98
N VAL A 261 11.46 -2.39 7.34
CA VAL A 261 10.35 -3.27 6.96
C VAL A 261 9.15 -2.40 6.59
N ALA A 262 8.41 -2.83 5.56
CA ALA A 262 7.11 -2.25 5.25
C ALA A 262 6.06 -3.20 5.80
N SER A 263 5.20 -2.70 6.67
CA SER A 263 4.06 -3.47 7.14
C SER A 263 2.79 -2.79 6.70
N TRP A 264 1.70 -3.54 6.66
CA TRP A 264 0.41 -2.93 6.32
C TRP A 264 -0.77 -3.61 6.98
N ASP A 265 -1.91 -2.94 6.88
CA ASP A 265 -3.09 -3.25 7.65
C ASP A 265 -4.21 -3.66 6.69
N SER A 266 -4.53 -4.95 6.68
CA SER A 266 -5.42 -5.57 5.70
C SER A 266 -6.77 -5.92 6.31
N TYR A 267 -7.80 -5.26 5.78
CA TYR A 267 -9.16 -5.51 6.21
C TYR A 267 -10.02 -5.72 4.97
N PRO A 268 -9.93 -6.92 4.36
CA PRO A 268 -10.55 -7.19 3.06
C PRO A 268 -12.05 -6.95 2.97
N LEU A 269 -12.79 -7.20 4.05
CA LEU A 269 -14.25 -7.00 4.05
C LEU A 269 -14.63 -5.55 4.16
N GLY A 270 -13.86 -4.77 4.91
CA GLY A 270 -14.06 -3.34 5.03
C GLY A 270 -13.77 -2.63 3.73
N SER A 271 -12.62 -2.93 3.12
CA SER A 271 -12.26 -2.30 1.84
C SER A 271 -13.23 -2.66 0.70
N LEU A 272 -13.68 -3.91 0.65
CA LEU A 272 -14.64 -4.33 -0.38
C LEU A 272 -15.94 -3.50 -0.29
N ASP A 273 -16.49 -3.42 0.91
CA ASP A 273 -17.76 -2.71 1.14
C ASP A 273 -17.59 -1.21 0.93
N LYS A 274 -16.50 -0.66 1.45
CA LYS A 274 -16.29 0.80 1.43
C LYS A 274 -15.82 1.39 0.10
N GLU A 275 -14.89 0.73 -0.59
CA GLU A 275 -14.16 1.38 -1.71
C GLU A 275 -14.96 1.48 -3.03
N PRO A 276 -15.05 2.69 -3.61
CA PRO A 276 -15.69 2.80 -4.93
C PRO A 276 -15.02 2.07 -6.08
N LEU A 277 -13.75 1.68 -5.92
CA LEU A 277 -13.07 0.78 -6.89
C LEU A 277 -13.93 -0.41 -7.32
N TYR A 278 -14.62 -1.02 -6.37
CA TYR A 278 -15.29 -2.30 -6.62
C TYR A 278 -16.70 -2.12 -7.18
N THR A 279 -17.08 -3.02 -8.10
CA THR A 279 -18.40 -3.02 -8.68
C THR A 279 -19.43 -3.60 -7.72
N GLU A 280 -20.69 -3.37 -8.05
CA GLU A 280 -21.78 -3.94 -7.25
CA GLU A 280 -21.82 -3.94 -7.29
C GLU A 280 -21.71 -5.48 -7.24
N ASP A 281 -21.45 -6.08 -8.39
CA ASP A 281 -21.28 -7.54 -8.47
C ASP A 281 -20.14 -8.06 -7.57
N GLU A 282 -19.00 -7.39 -7.60
CA GLU A 282 -17.87 -7.75 -6.73
C GLU A 282 -18.19 -7.65 -5.23
N LYS A 283 -18.86 -6.57 -4.84
CA LYS A 283 -19.26 -6.36 -3.44
C LYS A 283 -20.18 -7.47 -2.95
N HIS A 284 -21.06 -7.96 -3.84
CA HIS A 284 -21.97 -9.05 -3.52
C HIS A 284 -21.26 -10.41 -3.55
N THR A 285 -20.56 -10.69 -4.65
CA THR A 285 -19.89 -11.99 -4.82
C THR A 285 -18.88 -12.30 -3.74
N TYR A 286 -18.09 -11.30 -3.36
CA TYR A 286 -16.96 -11.51 -2.45
C TYR A 286 -17.19 -10.93 -1.03
N LEU A 287 -18.45 -10.66 -0.68
CA LEU A 287 -18.84 -10.07 0.61
C LEU A 287 -18.02 -10.55 1.81
N ARG A 288 -17.83 -11.87 1.91
CA ARG A 288 -17.24 -12.49 3.11
C ARG A 288 -15.77 -12.88 3.00
N VAL A 289 -15.14 -12.60 1.85
CA VAL A 289 -13.69 -12.86 1.66
C VAL A 289 -12.84 -11.69 1.14
N GLY A 290 -13.49 -10.65 0.60
CA GLY A 290 -12.77 -9.56 -0.06
C GLY A 290 -12.46 -9.91 -1.49
N HIS A 291 -12.13 -8.89 -2.29
CA HIS A 291 -11.80 -9.10 -3.69
C HIS A 291 -10.51 -9.93 -3.75
N PRO A 292 -10.40 -10.87 -4.72
CA PRO A 292 -9.20 -11.74 -4.78
C PRO A 292 -7.82 -11.06 -4.84
N ASP A 293 -7.78 -9.80 -5.29
CA ASP A 293 -6.55 -9.01 -5.38
C ASP A 293 -6.40 -7.87 -4.36
N ALA A 294 -7.30 -7.78 -3.40
CA ALA A 294 -7.30 -6.66 -2.45
C ALA A 294 -6.06 -6.70 -1.57
N GLY A 295 -5.74 -7.88 -1.05
CA GLY A 295 -4.51 -8.08 -0.27
C GLY A 295 -3.29 -8.14 -1.17
N ALA A 296 -3.38 -9.00 -2.18
CA ALA A 296 -2.31 -9.24 -3.16
C ALA A 296 -1.68 -7.97 -3.71
N PHE A 297 -2.50 -7.04 -4.20
CA PHE A 297 -2.01 -5.78 -4.75
C PHE A 297 -1.10 -5.06 -3.75
N HIS A 298 -1.55 -4.97 -2.51
CA HIS A 298 -0.83 -4.28 -1.46
C HIS A 298 0.37 -5.07 -0.91
N HIS A 299 0.25 -6.40 -0.85
CA HIS A 299 1.39 -7.23 -0.45
C HIS A 299 2.58 -6.96 -1.40
N ASP A 300 2.31 -6.93 -2.70
CA ASP A 300 3.35 -6.66 -3.71
C ASP A 300 3.87 -5.21 -3.70
N LEU A 301 2.98 -4.25 -3.57
CA LEU A 301 3.36 -2.84 -3.45
C LEU A 301 4.27 -2.62 -2.23
N TYR A 302 3.87 -3.15 -1.08
CA TYR A 302 4.60 -2.93 0.17
C TYR A 302 5.85 -3.80 0.31
N ARG A 303 5.88 -4.98 -0.28
CA ARG A 303 7.15 -5.70 -0.42
C ARG A 303 8.18 -4.82 -1.16
N GLY A 304 7.74 -4.09 -2.19
CA GLY A 304 8.61 -3.12 -2.87
C GLY A 304 9.04 -1.96 -1.96
N CYS A 305 8.08 -1.35 -1.26
CA CYS A 305 8.37 -0.30 -0.28
C CYS A 305 9.31 -0.74 0.84
N GLY A 306 9.25 -2.01 1.21
CA GLY A 306 10.13 -2.60 2.22
C GLY A 306 11.45 -3.16 1.71
N ASN A 307 11.80 -2.87 0.46
CA ASN A 307 13.01 -3.40 -0.17
CA ASN A 307 13.02 -3.41 -0.16
C ASN A 307 13.15 -4.92 0.06
N GLY A 308 12.05 -5.63 -0.19
CA GLY A 308 12.00 -7.10 0.01
C GLY A 308 11.31 -7.58 1.28
N ARG A 309 11.30 -6.74 2.32
CA ARG A 309 10.77 -7.12 3.63
C ARG A 309 9.34 -6.60 3.89
N LEU A 310 8.41 -7.55 4.00
CA LEU A 310 6.98 -7.29 4.13
C LEU A 310 6.45 -7.96 5.38
N TRP A 311 5.71 -7.21 6.19
CA TRP A 311 4.87 -7.75 7.26
C TRP A 311 3.42 -7.31 7.04
N ILE A 312 2.48 -8.03 7.63
CA ILE A 312 1.13 -7.53 7.81
C ILE A 312 1.04 -7.24 9.30
N MET A 313 1.02 -5.96 9.67
CA MET A 313 0.95 -5.56 11.08
C MET A 313 -0.44 -5.75 11.66
N GLU A 314 -1.49 -5.58 10.84
CA GLU A 314 -2.88 -5.73 11.28
C GLU A 314 -3.68 -6.54 10.26
N GLN A 315 -4.10 -7.74 10.65
CA GLN A 315 -4.93 -8.62 9.81
C GLN A 315 -6.32 -8.75 10.39
N GLN A 316 -7.34 -8.53 9.55
CA GLN A 316 -8.73 -8.70 9.97
C GLN A 316 -8.96 -10.11 10.51
N PRO A 317 -9.53 -10.24 11.73
CA PRO A 317 -9.82 -11.53 12.35
C PRO A 317 -11.32 -11.88 12.43
N GLY A 318 -12.18 -10.95 12.05
CA GLY A 318 -13.61 -11.05 12.28
C GLY A 318 -14.24 -9.75 11.79
N PRO A 319 -15.52 -9.51 12.13
CA PRO A 319 -16.14 -8.26 11.66
C PRO A 319 -15.46 -7.03 12.26
N VAL A 320 -15.33 -5.97 11.45
CA VAL A 320 -14.80 -4.68 11.92
C VAL A 320 -15.95 -3.68 12.19
N ASN A 321 -15.61 -2.45 12.60
CA ASN A 321 -16.59 -1.43 13.00
C ASN A 321 -16.80 -0.29 12.01
N TRP A 322 -15.84 -0.08 11.10
CA TRP A 322 -15.68 1.22 10.44
C TRP A 322 -16.24 1.34 9.03
N ALA A 323 -16.55 0.23 8.36
CA ALA A 323 -17.14 0.30 7.02
C ALA A 323 -18.64 0.53 7.13
N PRO A 324 -19.29 1.00 6.05
CA PRO A 324 -20.76 1.16 6.12
C PRO A 324 -21.48 -0.13 6.52
N HIS A 325 -21.01 -1.27 6.00
CA HIS A 325 -21.54 -2.58 6.40
C HIS A 325 -20.37 -3.46 6.79
N ASN A 326 -20.59 -4.30 7.80
CA ASN A 326 -19.53 -5.06 8.45
C ASN A 326 -19.92 -6.53 8.64
N PRO A 327 -19.84 -7.32 7.55
CA PRO A 327 -20.20 -8.73 7.65
C PRO A 327 -19.15 -9.54 8.40
N THR A 328 -19.56 -10.69 8.91
CA THR A 328 -18.63 -11.70 9.42
C THR A 328 -17.89 -12.35 8.24
N PRO A 329 -16.58 -12.63 8.39
CA PRO A 329 -15.87 -13.35 7.34
C PRO A 329 -16.38 -14.78 7.14
N ALA A 330 -16.18 -15.32 5.95
CA ALA A 330 -16.51 -16.74 5.71
C ALA A 330 -15.65 -17.60 6.63
N ASP A 331 -16.18 -18.75 7.03
CA ASP A 331 -15.39 -19.71 7.79
C ASP A 331 -14.18 -20.10 6.93
N GLY A 332 -12.99 -20.01 7.53
CA GLY A 332 -11.72 -20.22 6.83
C GLY A 332 -11.06 -18.98 6.22
N ALA A 333 -11.76 -17.85 6.20
CA ALA A 333 -11.22 -16.62 5.57
C ALA A 333 -9.97 -16.07 6.26
N VAL A 334 -9.87 -16.19 7.58
CA VAL A 334 -8.69 -15.67 8.29
C VAL A 334 -7.46 -16.51 7.90
N ARG A 335 -7.64 -17.84 7.85
CA ARG A 335 -6.60 -18.75 7.32
C ARG A 335 -6.23 -18.38 5.89
N LEU A 336 -7.24 -18.14 5.07
CA LEU A 336 -7.06 -17.75 3.66
CA LEU A 336 -7.06 -17.75 3.66
C LEU A 336 -6.15 -16.53 3.55
N TRP A 337 -6.50 -15.48 4.28
CA TRP A 337 -5.76 -14.21 4.21
C TRP A 337 -4.34 -14.35 4.72
N THR A 338 -4.15 -15.19 5.73
CA THR A 338 -2.83 -15.42 6.32
C THR A 338 -1.90 -16.12 5.33
N TRP A 339 -2.35 -17.25 4.76
CA TRP A 339 -1.56 -17.93 3.71
C TRP A 339 -1.33 -17.06 2.51
N GLU A 340 -2.33 -16.26 2.16
CA GLU A 340 -2.22 -15.28 1.07
C GLU A 340 -0.99 -14.40 1.31
N ALA A 341 -0.92 -13.78 2.49
CA ALA A 341 0.23 -12.90 2.82
C ALA A 341 1.55 -13.67 2.74
N PHE A 342 1.60 -14.88 3.27
CA PHE A 342 2.81 -15.73 3.19
C PHE A 342 3.24 -16.02 1.75
N SER A 343 2.27 -16.27 0.86
CA SER A 343 2.58 -16.50 -0.56
C SER A 343 3.24 -15.30 -1.26
N HIS A 344 2.98 -14.09 -0.77
CA HIS A 344 3.63 -12.86 -1.27
C HIS A 344 4.92 -12.51 -0.51
N GLY A 345 5.41 -13.41 0.35
CA GLY A 345 6.69 -13.23 1.05
C GLY A 345 6.61 -12.56 2.41
N ALA A 346 5.41 -12.42 2.97
CA ALA A 346 5.28 -11.81 4.28
C ALA A 346 6.04 -12.65 5.30
N GLU A 347 6.93 -12.00 6.06
CA GLU A 347 7.68 -12.65 7.15
C GLU A 347 6.75 -12.94 8.32
N LEU A 348 5.83 -12.01 8.55
CA LEU A 348 4.99 -11.98 9.74
C LEU A 348 3.58 -11.56 9.35
N VAL A 349 2.56 -12.25 9.88
CA VAL A 349 1.17 -11.81 9.81
C VAL A 349 0.65 -11.62 11.24
N SER A 350 0.33 -10.36 11.58
CA SER A 350 -0.11 -10.01 12.92
C SER A 350 -1.59 -9.61 12.89
N TYR A 351 -2.39 -10.21 13.77
CA TYR A 351 -3.81 -9.91 13.84
C TYR A 351 -4.09 -8.70 14.73
N PHE A 352 -5.33 -8.24 14.73
CA PHE A 352 -5.71 -7.08 15.52
C PHE A 352 -7.23 -7.05 15.74
N ARG A 353 -7.64 -7.08 17.01
CA ARG A 353 -6.71 -7.14 18.11
C ARG A 353 -6.77 -8.49 18.81
N TRP A 354 -6.03 -8.63 19.91
CA TRP A 354 -6.00 -9.87 20.67
C TRP A 354 -7.35 -10.15 21.33
N ARG A 355 -7.93 -9.12 21.94
CA ARG A 355 -9.22 -9.25 22.60
C ARG A 355 -10.08 -8.03 22.29
N GLN A 356 -11.30 -8.27 21.81
CA GLN A 356 -12.24 -7.20 21.45
C GLN A 356 -12.52 -6.32 22.67
N ALA A 357 -12.36 -5.00 22.52
CA ALA A 357 -12.53 -4.08 23.65
C ALA A 357 -14.01 -3.81 23.89
N PRO A 358 -14.45 -3.70 25.17
CA PRO A 358 -15.86 -3.43 25.43
C PRO A 358 -16.22 -1.93 25.43
N PHE A 359 -15.23 -1.06 25.24
CA PHE A 359 -15.42 0.40 25.28
C PHE A 359 -14.81 1.07 24.05
N GLY A 360 -15.19 2.33 23.84
CA GLY A 360 -14.60 3.18 22.80
C GLY A 360 -15.16 2.97 21.40
N GLN A 361 -14.58 3.68 20.44
CA GLN A 361 -15.05 3.74 19.04
C GLN A 361 -15.09 2.36 18.35
N GLU A 362 -14.16 1.49 18.72
CA GLU A 362 -13.98 0.18 18.09
C GLU A 362 -14.48 -0.98 18.95
N GLN A 363 -15.43 -0.72 19.85
CA GLN A 363 -16.01 -1.80 20.66
C GLN A 363 -16.66 -2.94 19.83
N MET A 364 -17.09 -2.65 18.60
CA MET A 364 -17.61 -3.69 17.69
C MET A 364 -16.55 -4.33 16.75
N HIS A 365 -15.28 -3.97 16.92
CA HIS A 365 -14.20 -4.56 16.11
C HIS A 365 -13.75 -5.86 16.77
N ALA A 366 -13.88 -6.97 16.04
CA ALA A 366 -13.53 -8.29 16.57
C ALA A 366 -12.04 -8.46 16.87
N GLY A 367 -11.75 -9.48 17.67
CA GLY A 367 -10.39 -9.90 17.93
C GLY A 367 -10.28 -11.40 17.92
N LEU A 368 -9.12 -11.92 18.31
CA LEU A 368 -8.96 -13.37 18.49
C LEU A 368 -9.84 -13.88 19.63
N LEU A 369 -10.04 -13.03 20.65
CA LEU A 369 -10.97 -13.29 21.73
C LEU A 369 -12.15 -12.32 21.70
N ARG A 370 -13.28 -12.75 22.27
CA ARG A 370 -14.45 -11.90 22.51
C ARG A 370 -14.18 -11.00 23.72
N PRO A 371 -15.04 -9.99 23.96
CA PRO A 371 -14.82 -9.12 25.13
C PRO A 371 -14.77 -9.85 26.48
N ASP A 372 -15.41 -11.02 26.57
CA ASP A 372 -15.37 -11.86 27.79
C ASP A 372 -14.19 -12.82 27.85
N ALA A 373 -13.21 -12.66 26.96
CA ALA A 373 -11.99 -13.47 26.91
C ALA A 373 -12.15 -14.93 26.41
N GLN A 374 -13.36 -15.32 25.98
CA GLN A 374 -13.53 -16.61 25.29
C GLN A 374 -13.04 -16.48 23.85
N GLU A 375 -12.56 -17.59 23.28
CA GLU A 375 -12.01 -17.56 21.91
C GLU A 375 -13.10 -17.26 20.87
N ALA A 376 -12.71 -16.45 19.89
CA ALA A 376 -13.53 -16.20 18.71
C ALA A 376 -12.93 -17.00 17.55
N GLU A 377 -13.54 -16.87 16.38
CA GLU A 377 -13.21 -17.73 15.22
C GLU A 377 -11.74 -17.67 14.79
N ALA A 378 -11.13 -16.49 14.84
CA ALA A 378 -9.74 -16.34 14.39
C ALA A 378 -8.71 -17.12 15.21
N ALA A 379 -9.02 -17.40 16.48
CA ALA A 379 -8.08 -18.12 17.34
C ALA A 379 -7.83 -19.53 16.82
N LYS A 380 -8.90 -20.21 16.41
CA LYS A 380 -8.82 -21.56 15.86
C LYS A 380 -8.15 -21.58 14.47
N GLU A 381 -8.47 -20.59 13.63
CA GLU A 381 -7.88 -20.49 12.29
C GLU A 381 -6.38 -20.19 12.34
N ALA A 382 -5.99 -19.28 13.24
CA ALA A 382 -4.57 -18.96 13.47
C ALA A 382 -3.78 -20.19 13.96
N THR A 383 -4.37 -20.92 14.92
CA THR A 383 -3.79 -22.16 15.43
C THR A 383 -3.52 -23.16 14.29
N LEU A 384 -4.50 -23.31 13.40
CA LEU A 384 -4.39 -24.21 12.24
C LEU A 384 -3.26 -23.79 11.30
N VAL A 385 -3.17 -22.49 10.98
CA VAL A 385 -2.10 -21.99 10.11
C VAL A 385 -0.72 -22.32 10.72
N ALA A 386 -0.55 -22.09 12.03
CA ALA A 386 0.73 -22.37 12.71
C ALA A 386 1.15 -23.85 12.55
N GLN A 387 0.19 -24.74 12.72
CA GLN A 387 0.39 -26.19 12.49
C GLN A 387 0.75 -26.45 11.03
N GLU A 388 0.00 -25.82 10.11
CA GLU A 388 0.26 -26.02 8.68
C GLU A 388 1.61 -25.51 8.20
N VAL A 389 2.14 -24.42 8.79
CA VAL A 389 3.48 -23.98 8.36
C VAL A 389 4.56 -24.97 8.83
N LYS A 390 4.38 -25.59 9.99
CA LYS A 390 5.30 -26.65 10.44
C LYS A 390 5.28 -27.86 9.49
N VAL A 391 4.07 -28.27 9.08
CA VAL A 391 3.90 -29.33 8.07
C VAL A 391 4.60 -28.99 6.75
N LEU A 392 4.43 -27.75 6.30
CA LEU A 392 5.06 -27.29 5.08
C LEU A 392 6.58 -27.33 5.21
N ALA A 393 7.11 -26.74 6.28
CA ALA A 393 8.55 -26.67 6.50
C ALA A 393 9.18 -28.07 6.50
N GLU A 394 8.55 -29.01 7.20
CA GLU A 394 9.04 -30.39 7.25
C GLU A 394 9.00 -31.08 5.88
N SER A 395 7.91 -30.88 5.12
CA SER A 395 7.76 -31.49 3.80
C SER A 395 8.86 -31.09 2.82
N ILE A 396 9.30 -29.84 2.89
CA ILE A 396 10.37 -29.35 1.99
C ILE A 396 11.74 -29.26 2.66
N GLY A 397 11.90 -29.86 3.85
CA GLY A 397 13.21 -29.99 4.51
C GLY A 397 13.87 -28.69 4.96
N LEU A 398 13.06 -27.73 5.38
CA LEU A 398 13.56 -26.42 5.80
C LEU A 398 13.21 -26.16 7.25
N ASP A 399 14.04 -25.37 7.93
CA ASP A 399 13.68 -24.81 9.24
C ASP A 399 12.91 -23.50 9.04
N ALA A 400 12.34 -22.98 10.12
CA ALA A 400 11.51 -21.77 10.09
C ALA A 400 12.19 -20.60 9.38
N ASP A 401 13.47 -20.42 9.64
CA ASP A 401 14.24 -19.32 9.07
C ASP A 401 14.49 -19.50 7.56
N GLU A 402 14.78 -20.72 7.15
CA GLU A 402 14.89 -21.06 5.73
C GLU A 402 13.56 -20.90 4.99
N LEU A 403 12.47 -21.29 5.65
CA LEU A 403 11.10 -21.13 5.12
C LEU A 403 10.82 -19.67 4.77
N MET A 404 11.10 -18.79 5.73
CA MET A 404 10.93 -17.34 5.56
C MET A 404 11.82 -16.79 4.43
N SER A 405 12.99 -17.38 4.24
CA SER A 405 13.93 -16.95 3.21
C SER A 405 13.63 -17.45 1.80
N LEU A 406 12.59 -18.26 1.60
CA LEU A 406 12.18 -18.66 0.24
C LEU A 406 12.05 -17.42 -0.66
N PRO A 407 12.49 -17.53 -1.93
CA PRO A 407 12.36 -16.37 -2.81
C PRO A 407 10.89 -15.96 -3.02
N SER A 408 10.68 -14.66 -3.21
CA SER A 408 9.34 -14.10 -3.34
C SER A 408 9.09 -13.27 -4.60
N ALA A 409 10.14 -12.89 -5.33
CA ALA A 409 9.99 -11.98 -6.46
C ALA A 409 9.30 -12.63 -7.66
N GLY A 410 8.43 -11.88 -8.31
CA GLY A 410 7.89 -12.26 -9.63
C GLY A 410 8.82 -11.82 -10.74
N LYS A 411 8.62 -12.37 -11.93
CA LYS A 411 9.36 -11.97 -13.13
C LYS A 411 8.60 -10.92 -13.96
N VAL A 412 7.39 -10.58 -13.53
CA VAL A 412 6.62 -9.48 -14.09
C VAL A 412 6.61 -8.34 -13.08
N ALA A 413 6.92 -7.12 -13.55
CA ALA A 413 6.89 -5.92 -12.73
C ALA A 413 5.83 -4.94 -13.23
N LEU A 414 5.08 -4.38 -12.28
CA LEU A 414 4.14 -3.28 -12.52
C LEU A 414 4.71 -2.06 -11.79
N MET A 415 5.00 -0.99 -12.52
CA MET A 415 5.60 0.21 -11.92
C MET A 415 4.51 1.15 -11.38
N PHE A 416 4.52 1.34 -10.05
CA PHE A 416 3.61 2.24 -9.36
C PHE A 416 4.39 3.46 -8.84
N ASP A 417 3.91 4.65 -9.18
CA ASP A 417 4.58 5.90 -8.85
CA ASP A 417 4.59 5.90 -8.82
C ASP A 417 3.58 6.82 -8.12
N TYR A 418 3.84 7.11 -6.84
CA TYR A 418 2.97 8.02 -6.08
C TYR A 418 2.86 9.41 -6.72
N ASP A 419 3.96 9.89 -7.29
CA ASP A 419 3.95 11.20 -7.94
C ASP A 419 3.00 11.21 -9.14
N ALA A 420 3.01 10.13 -9.93
CA ALA A 420 2.06 9.95 -11.04
C ALA A 420 0.61 9.90 -10.53
N CYS A 421 0.40 9.15 -9.44
CA CYS A 421 -0.91 9.09 -8.79
C CYS A 421 -1.47 10.48 -8.45
N TRP A 422 -0.63 11.31 -7.83
CA TRP A 422 -1.02 12.69 -7.47
C TRP A 422 -1.35 13.53 -8.72
N SER A 423 -0.47 13.47 -9.71
CA SER A 423 -0.68 14.17 -10.98
C SER A 423 -2.03 13.81 -11.61
N LEU A 424 -2.26 12.52 -11.78
CA LEU A 424 -3.47 12.02 -12.43
C LEU A 424 -4.75 12.24 -11.60
N ASP A 425 -4.66 12.21 -10.28
CA ASP A 425 -5.79 12.54 -9.41
C ASP A 425 -6.13 14.03 -9.44
N ILE A 426 -5.13 14.88 -9.65
CA ILE A 426 -5.31 16.34 -9.66
C ILE A 426 -6.16 16.75 -10.88
N GLN A 427 -5.85 16.18 -12.05
CA GLN A 427 -6.69 16.36 -13.25
C GLN A 427 -6.91 15.00 -13.92
N PRO A 428 -7.95 14.27 -13.49
CA PRO A 428 -8.25 12.99 -14.13
C PRO A 428 -8.74 13.14 -15.56
N GLN A 429 -9.37 14.28 -15.85
CA GLN A 429 -9.76 14.70 -17.21
C GLN A 429 -10.98 13.94 -17.79
N SER A 430 -11.10 12.64 -17.48
CA SER A 430 -12.40 11.98 -17.39
C SER A 430 -12.61 11.61 -15.93
N ARG A 431 -13.79 11.94 -15.39
CA ARG A 431 -14.08 11.63 -13.98
CA ARG A 431 -14.12 11.62 -13.98
C ARG A 431 -14.13 10.11 -13.73
N ALA A 432 -14.35 9.32 -14.77
CA ALA A 432 -14.33 7.85 -14.65
C ALA A 432 -12.92 7.26 -14.58
N TYR A 433 -11.88 8.06 -14.84
CA TYR A 433 -10.50 7.60 -14.80
C TYR A 433 -9.87 7.85 -13.43
N ARG A 434 -9.22 6.82 -12.88
CA ARG A 434 -8.47 6.92 -11.65
CA ARG A 434 -8.44 6.93 -11.65
C ARG A 434 -7.19 6.08 -11.79
N TYR A 435 -6.03 6.69 -11.56
CA TYR A 435 -4.74 6.00 -11.68
C TYR A 435 -4.72 4.70 -10.90
N PHE A 436 -5.11 4.76 -9.63
CA PHE A 436 -5.11 3.58 -8.78
C PHE A 436 -6.02 2.47 -9.34
N PHE A 437 -7.22 2.85 -9.81
CA PHE A 437 -8.16 1.87 -10.35
C PHE A 437 -7.54 1.18 -11.57
N TRP A 438 -6.95 1.98 -12.45
CA TRP A 438 -6.33 1.45 -13.69
C TRP A 438 -5.18 0.49 -13.35
N CYS A 439 -4.31 0.88 -12.41
CA CYS A 439 -3.22 0.00 -11.95
C CYS A 439 -3.77 -1.31 -11.39
N TYR A 440 -4.82 -1.19 -10.56
CA TYR A 440 -5.46 -2.35 -9.94
C TYR A 440 -6.08 -3.28 -10.98
N ARG A 441 -6.74 -2.73 -11.99
CA ARG A 441 -7.36 -3.54 -13.04
C ARG A 441 -6.35 -4.18 -14.01
N MET A 442 -5.22 -3.51 -14.24
CA MET A 442 -4.10 -4.15 -14.98
C MET A 442 -3.54 -5.30 -14.16
N TYR A 443 -3.41 -5.09 -12.84
CA TYR A 443 -2.92 -6.10 -11.92
C TYR A 443 -3.87 -7.31 -11.84
N GLU A 444 -5.18 -7.04 -11.76
CA GLU A 444 -6.20 -8.10 -11.76
C GLU A 444 -6.08 -9.02 -12.99
N ALA A 445 -5.91 -8.41 -14.16
CA ALA A 445 -5.70 -9.17 -15.41
C ALA A 445 -4.46 -10.08 -15.35
N MET A 446 -3.35 -9.55 -14.83
CA MET A 446 -2.13 -10.35 -14.61
C MET A 446 -2.41 -11.54 -13.70
N ARG A 447 -3.13 -11.27 -12.62
CA ARG A 447 -3.44 -12.29 -11.61
C ARG A 447 -4.41 -13.36 -12.12
N GLU A 448 -5.38 -12.96 -12.95
CA GLU A 448 -6.30 -13.90 -13.61
C GLU A 448 -5.56 -14.82 -14.61
N LEU A 449 -4.38 -14.40 -15.05
CA LEU A 449 -3.49 -15.20 -15.90
C LEU A 449 -2.46 -16.02 -15.10
N GLY A 450 -2.61 -16.06 -13.77
CA GLY A 450 -1.76 -16.86 -12.92
C GLY A 450 -0.36 -16.34 -12.67
N LEU A 451 -0.09 -15.07 -13.00
CA LEU A 451 1.25 -14.51 -12.90
C LEU A 451 1.61 -14.10 -11.47
N SER A 452 2.86 -14.37 -11.07
CA SER A 452 3.45 -13.82 -9.84
C SER A 452 4.11 -12.48 -10.18
N VAL A 453 3.81 -11.46 -9.39
CA VAL A 453 4.11 -10.07 -9.73
C VAL A 453 4.91 -9.35 -8.64
N ASP A 454 5.80 -8.45 -9.07
CA ASP A 454 6.37 -7.39 -8.24
C ASP A 454 5.75 -6.08 -8.65
N ILE A 455 5.48 -5.23 -7.66
CA ILE A 455 5.13 -3.84 -7.91
C ILE A 455 6.33 -3.02 -7.46
N VAL A 456 6.81 -2.15 -8.34
CA VAL A 456 8.09 -1.47 -8.14
C VAL A 456 7.98 0.05 -8.29
N PRO A 457 8.87 0.78 -7.60
CA PRO A 457 8.93 2.23 -7.80
C PRO A 457 9.63 2.56 -9.10
N SER A 458 9.55 3.82 -9.50
CA SER A 458 10.15 4.26 -10.77
C SER A 458 11.69 4.27 -10.77
N ASN A 459 12.31 4.31 -9.59
CA ASN A 459 13.77 4.20 -9.49
C ASN A 459 14.30 2.77 -9.29
N ALA A 460 13.43 1.75 -9.41
CA ALA A 460 13.86 0.38 -9.19
C ALA A 460 14.78 -0.12 -10.31
N PRO A 461 15.80 -0.93 -9.97
CA PRO A 461 16.53 -1.62 -11.04
C PRO A 461 15.61 -2.65 -11.73
N LEU A 462 15.74 -2.74 -13.05
CA LEU A 462 14.79 -3.48 -13.89
C LEU A 462 15.30 -4.82 -14.42
N ASP A 463 16.61 -5.10 -14.25
CA ASP A 463 17.25 -6.26 -14.89
C ASP A 463 16.69 -7.63 -14.51
N MET A 464 16.08 -7.76 -13.33
CA MET A 464 15.50 -9.02 -12.88
C MET A 464 14.08 -9.33 -13.43
N TYR A 465 13.52 -8.44 -14.26
CA TYR A 465 12.16 -8.62 -14.81
C TYR A 465 12.15 -8.88 -16.32
N GLU A 466 11.41 -9.90 -16.72
CA GLU A 466 11.23 -10.26 -18.12
C GLU A 466 10.13 -9.45 -18.80
N LEU A 467 9.11 -9.06 -18.04
CA LEU A 467 8.02 -8.20 -18.50
C LEU A 467 7.83 -7.04 -17.53
N LEU A 468 7.75 -5.82 -18.08
CA LEU A 468 7.62 -4.59 -17.30
C LEU A 468 6.44 -3.79 -17.83
N VAL A 469 5.51 -3.46 -16.95
CA VAL A 469 4.32 -2.70 -17.31
C VAL A 469 4.29 -1.38 -16.53
N LEU A 470 4.19 -0.25 -17.25
CA LEU A 470 4.02 1.08 -16.66
C LEU A 470 2.57 1.51 -16.96
N PRO A 471 1.64 1.31 -15.98
CA PRO A 471 0.24 1.56 -16.32
C PRO A 471 -0.06 2.98 -16.80
N ALA A 472 0.58 3.97 -16.17
CA ALA A 472 0.37 5.39 -16.50
C ALA A 472 1.46 6.23 -15.84
N GLN A 473 2.68 6.12 -16.37
CA GLN A 473 3.84 6.77 -15.77
C GLN A 473 3.88 8.21 -16.30
N ALA A 474 3.07 9.07 -15.68
CA ALA A 474 2.73 10.41 -16.21
C ALA A 474 3.96 11.24 -16.54
N HIS A 475 4.85 11.37 -15.57
CA HIS A 475 6.18 11.97 -15.79
C HIS A 475 7.26 10.91 -15.77
N ILE A 476 8.10 10.92 -16.80
CA ILE A 476 9.27 10.05 -16.91
C ILE A 476 10.49 10.92 -16.65
N THR A 477 11.24 10.62 -15.59
CA THR A 477 12.49 11.32 -15.30
C THR A 477 13.53 10.96 -16.37
N PRO A 478 14.50 11.85 -16.62
CA PRO A 478 15.56 11.47 -17.58
C PRO A 478 16.30 10.18 -17.18
N GLU A 479 16.37 9.92 -15.88
CA GLU A 479 17.07 8.74 -15.38
CA GLU A 479 17.04 8.73 -15.33
C GLU A 479 16.22 7.48 -15.63
N LEU A 480 14.90 7.57 -15.46
CA LEU A 480 14.02 6.46 -15.82
C LEU A 480 14.10 6.18 -17.32
N GLN A 481 14.08 7.22 -18.15
CA GLN A 481 14.18 6.99 -19.61
C GLN A 481 15.47 6.24 -20.00
N ASN A 482 16.59 6.58 -19.35
CA ASN A 482 17.85 5.84 -19.57
C ASN A 482 17.73 4.37 -19.20
N ARG A 483 17.11 4.07 -18.05
CA ARG A 483 16.86 2.70 -17.64
C ARG A 483 15.95 1.96 -18.64
N LEU A 484 14.93 2.65 -19.16
CA LEU A 484 14.04 2.05 -20.17
C LEU A 484 14.78 1.79 -21.48
N ASN A 485 15.64 2.73 -21.89
CA ASN A 485 16.43 2.57 -23.12
C ASN A 485 17.33 1.33 -23.11
N SER A 486 17.89 0.99 -21.95
CA SER A 486 18.80 -0.16 -21.83
C SER A 486 18.10 -1.45 -21.37
N TYR A 487 16.84 -1.36 -20.92
CA TYR A 487 16.09 -2.53 -20.43
C TYR A 487 16.00 -3.58 -21.53
N GLN A 488 16.32 -4.83 -21.17
CA GLN A 488 16.39 -5.95 -22.11
C GLN A 488 15.13 -6.83 -22.15
N GLY A 489 14.20 -6.63 -21.20
CA GLY A 489 12.94 -7.39 -21.20
C GLY A 489 11.90 -6.77 -22.12
N VAL A 490 10.63 -7.13 -21.89
CA VAL A 490 9.51 -6.66 -22.68
C VAL A 490 8.81 -5.51 -21.96
N LEU A 491 8.60 -4.39 -22.65
CA LEU A 491 7.96 -3.20 -22.08
C LEU A 491 6.57 -2.94 -22.65
N LEU A 492 5.61 -2.74 -21.74
CA LEU A 492 4.30 -2.16 -22.09
C LEU A 492 4.11 -0.83 -21.33
N ALA A 493 4.07 0.27 -22.07
CA ALA A 493 3.74 1.57 -21.50
C ALA A 493 2.26 1.85 -21.74
N GLY A 494 1.55 2.20 -20.67
CA GLY A 494 0.12 2.40 -20.74
C GLY A 494 -0.26 3.84 -21.00
N PRO A 495 -1.57 4.13 -21.13
CA PRO A 495 -2.00 5.48 -21.48
C PRO A 495 -1.55 6.55 -20.49
N ARG A 496 -1.28 7.74 -21.02
CA ARG A 496 -0.81 8.89 -20.23
C ARG A 496 0.66 8.79 -19.79
N THR A 497 1.37 7.72 -20.15
CA THR A 497 2.80 7.62 -19.90
C THR A 497 3.57 8.71 -20.68
N GLY A 498 4.45 9.42 -19.98
CA GLY A 498 5.21 10.51 -20.58
C GLY A 498 4.37 11.70 -21.07
N SER A 499 3.23 11.93 -20.42
CA SER A 499 2.32 13.01 -20.80
C SER A 499 2.52 14.33 -20.03
N LYS A 500 3.35 14.31 -18.98
CA LYS A 500 3.60 15.50 -18.16
C LYS A 500 5.09 15.68 -17.86
N THR A 501 5.51 16.95 -17.80
CA THR A 501 6.82 17.33 -17.27
C THR A 501 6.80 17.25 -15.73
N GLU A 502 7.96 17.48 -15.11
CA GLU A 502 8.07 17.50 -13.65
C GLU A 502 7.19 18.56 -12.98
N THR A 503 6.96 19.68 -13.68
CA THR A 503 6.25 20.82 -13.12
C THR A 503 4.80 20.97 -13.65
N TYR A 504 4.21 19.85 -14.09
CA TYR A 504 2.83 19.78 -14.57
C TYR A 504 2.61 20.60 -15.85
N GLN A 505 3.43 20.34 -16.87
CA GLN A 505 3.20 20.89 -18.20
C GLN A 505 3.24 19.77 -19.23
N ILE A 506 2.68 20.05 -20.42
CA ILE A 506 2.73 19.09 -21.52
C ILE A 506 4.13 19.15 -22.13
N PRO A 507 4.79 17.99 -22.34
CA PRO A 507 6.11 18.01 -22.97
C PRO A 507 6.13 18.71 -24.33
N GLU A 508 7.26 19.31 -24.64
CA GLU A 508 7.43 20.08 -25.88
C GLU A 508 7.11 19.28 -27.15
N ASN A 509 7.46 17.99 -27.16
CA ASN A 509 7.15 17.09 -28.28
C ASN A 509 5.77 16.41 -28.17
N LEU A 510 4.93 16.84 -27.23
CA LEU A 510 3.68 16.16 -26.86
C LEU A 510 3.92 14.77 -26.26
N ALA A 511 2.86 14.18 -25.70
CA ALA A 511 2.94 12.82 -25.18
C ALA A 511 3.29 11.86 -26.33
N PRO A 512 4.04 10.78 -26.08
CA PRO A 512 4.51 10.34 -24.77
C PRO A 512 5.91 10.88 -24.35
N GLY A 513 6.27 12.09 -24.76
CA GLY A 513 7.37 12.81 -24.15
C GLY A 513 8.72 12.12 -24.33
N PRO A 514 9.45 11.87 -23.22
CA PRO A 514 10.76 11.18 -23.34
C PRO A 514 10.69 9.77 -23.93
N LEU A 515 9.53 9.11 -23.80
CA LEU A 515 9.35 7.76 -24.34
C LEU A 515 9.31 7.71 -25.88
N ALA A 516 9.03 8.84 -26.54
CA ALA A 516 8.91 8.88 -27.99
C ALA A 516 10.14 8.41 -28.77
N SER A 517 11.34 8.58 -28.22
CA SER A 517 12.56 8.05 -28.86
C SER A 517 12.55 6.52 -28.88
N LEU A 518 12.00 5.89 -27.85
CA LEU A 518 11.88 4.42 -27.77
C LEU A 518 10.67 3.89 -28.54
N LEU A 519 9.55 4.62 -28.43
CA LEU A 519 8.28 4.23 -29.02
C LEU A 519 7.76 5.41 -29.83
N PRO A 520 8.15 5.49 -31.12
CA PRO A 520 7.79 6.68 -31.91
C PRO A 520 6.29 6.79 -32.24
N LEU A 521 5.60 7.64 -31.49
CA LEU A 521 4.20 7.97 -31.73
C LEU A 521 3.89 9.35 -31.16
N THR A 522 2.76 9.92 -31.57
CA THR A 522 2.32 11.21 -31.09
C THR A 522 0.86 11.13 -30.64
N VAL A 523 0.59 11.50 -29.41
CA VAL A 523 -0.79 11.66 -28.93
C VAL A 523 -1.25 13.04 -29.37
N GLU A 524 -2.10 13.07 -30.38
CA GLU A 524 -2.55 14.33 -30.97
C GLU A 524 -3.55 15.02 -30.06
N ARG A 525 -4.45 14.23 -29.48
CA ARG A 525 -5.43 14.73 -28.50
C ARG A 525 -6.08 13.56 -27.78
N VAL A 526 -6.87 13.85 -26.74
CA VAL A 526 -7.53 12.83 -25.92
C VAL A 526 -9.06 12.94 -26.00
N ASP A 527 -9.70 11.80 -26.20
CA ASP A 527 -11.14 11.62 -26.11
C ASP A 527 -11.39 11.03 -24.69
N ALA A 528 -11.86 11.88 -23.78
CA ALA A 528 -12.04 11.51 -22.37
C ALA A 528 -13.51 11.22 -22.14
N LEU A 529 -13.81 9.97 -21.78
CA LEU A 529 -15.16 9.40 -21.95
C LEU A 529 -15.93 9.08 -20.67
N PRO A 530 -17.27 9.22 -20.71
CA PRO A 530 -18.11 8.74 -19.63
C PRO A 530 -18.28 7.22 -19.76
N GLU A 531 -18.79 6.60 -18.70
CA GLU A 531 -18.99 5.14 -18.65
C GLU A 531 -19.92 4.63 -19.77
N HIS A 532 -20.88 5.45 -20.17
CA HIS A 532 -21.90 5.05 -21.15
C HIS A 532 -21.48 4.91 -22.61
N THR A 533 -20.27 5.35 -22.96
CA THR A 533 -19.76 5.25 -24.32
C THR A 533 -18.40 4.55 -24.31
N GLN A 534 -18.39 3.32 -24.82
CA GLN A 534 -17.26 2.40 -24.79
C GLN A 534 -16.97 1.90 -26.21
N PRO A 535 -16.13 2.64 -26.97
CA PRO A 535 -15.84 2.28 -28.37
C PRO A 535 -15.31 0.86 -28.59
N ALA A 536 -15.68 0.26 -29.73
CA ALA A 536 -15.27 -1.09 -30.07
C ALA A 536 -13.80 -1.12 -30.47
N VAL A 537 -13.15 -2.23 -30.13
CA VAL A 537 -11.74 -2.48 -30.43
C VAL A 537 -11.64 -3.82 -31.16
N SER A 538 -10.74 -3.88 -32.14
CA SER A 538 -10.45 -5.10 -32.91
C SER A 538 -8.95 -5.10 -33.24
N GLY A 539 -8.47 -6.08 -34.01
CA GLY A 539 -7.07 -6.11 -34.41
C GLY A 539 -6.43 -7.47 -34.29
N ARG A 540 -5.13 -7.51 -34.54
CA ARG A 540 -4.32 -8.73 -34.46
C ARG A 540 -4.52 -9.54 -33.19
N TRP A 541 -4.61 -8.86 -32.04
CA TRP A 541 -4.57 -9.55 -30.74
C TRP A 541 -5.92 -9.81 -30.07
N GLY A 542 -7.01 -9.24 -30.57
CA GLY A 542 -8.32 -9.50 -29.98
C GLY A 542 -9.37 -8.50 -30.34
N ALA A 543 -10.55 -8.70 -29.75
CA ALA A 543 -11.69 -7.80 -29.87
C ALA A 543 -12.34 -7.56 -28.51
N GLY A 544 -12.97 -6.41 -28.38
CA GLY A 544 -13.60 -6.02 -27.14
C GLY A 544 -13.95 -4.54 -27.18
N LYS A 545 -13.87 -3.89 -26.02
CA LYS A 545 -14.14 -2.47 -25.89
C LYS A 545 -13.03 -1.74 -25.15
N LEU A 546 -13.02 -0.42 -25.32
CA LEU A 546 -12.24 0.50 -24.50
C LEU A 546 -13.21 1.43 -23.77
N LYS A 547 -12.75 1.97 -22.63
CA LYS A 547 -13.54 2.89 -21.83
C LYS A 547 -12.68 3.99 -21.21
N HIS A 548 -13.32 5.11 -20.90
CA HIS A 548 -12.75 6.20 -20.06
C HIS A 548 -11.74 7.11 -20.71
N TRP A 549 -10.76 6.52 -21.40
CA TRP A 549 -9.62 7.24 -21.95
C TRP A 549 -9.26 6.65 -23.32
N HIS A 550 -9.20 7.52 -24.32
CA HIS A 550 -9.16 7.12 -25.73
C HIS A 550 -8.26 8.09 -26.48
N GLU A 551 -6.97 7.79 -26.52
CA GLU A 551 -5.99 8.68 -27.15
C GLU A 551 -6.06 8.59 -28.67
N GLN A 552 -6.06 9.73 -29.34
CA GLN A 552 -5.99 9.83 -30.79
C GLN A 552 -4.50 9.92 -31.15
N ILE A 553 -3.98 8.89 -31.83
CA ILE A 553 -2.53 8.70 -31.99
C ILE A 553 -2.14 8.60 -33.47
N LYS A 554 -1.00 9.20 -33.81
CA LYS A 554 -0.35 9.02 -35.11
C LYS A 554 0.96 8.27 -34.88
N THR A 555 1.14 7.18 -35.62
CA THR A 555 2.35 6.36 -35.52
C THR A 555 2.55 5.55 -36.79
N GLU A 556 3.80 5.17 -37.06
CA GLU A 556 4.12 4.18 -38.09
C GLU A 556 4.35 2.79 -37.49
N LEU A 557 4.34 2.69 -36.16
CA LEU A 557 4.50 1.39 -35.51
C LEU A 557 3.35 0.44 -35.91
N PRO A 558 3.63 -0.88 -35.99
CA PRO A 558 2.52 -1.80 -36.24
C PRO A 558 1.50 -1.76 -35.11
N CYS A 559 0.22 -1.91 -35.47
CA CYS A 559 -0.89 -1.90 -34.52
C CYS A 559 -1.35 -3.32 -34.23
N LEU A 560 -1.45 -3.64 -32.93
CA LEU A 560 -1.97 -4.92 -32.47
C LEU A 560 -3.45 -4.83 -32.09
N LEU A 561 -3.93 -3.62 -31.78
CA LEU A 561 -5.35 -3.31 -31.58
C LEU A 561 -5.65 -1.93 -32.14
N LYS A 562 -6.85 -1.76 -32.71
CA LYS A 562 -7.30 -0.49 -33.25
C LYS A 562 -8.79 -0.31 -32.98
N ASP A 563 -9.25 0.94 -32.98
CA ASP A 563 -10.70 1.22 -32.92
C ASP A 563 -11.34 1.11 -34.32
N ASP A 564 -12.66 1.29 -34.41
CA ASP A 564 -13.37 1.14 -35.71
C ASP A 564 -12.94 2.18 -36.76
N GLY A 565 -12.47 3.35 -36.32
CA GLY A 565 -11.89 4.34 -37.22
C GLY A 565 -10.45 4.05 -37.66
N GLY A 566 -9.90 2.90 -37.24
CA GLY A 566 -8.54 2.52 -37.57
C GLY A 566 -7.45 3.22 -36.75
N ASN A 567 -7.84 3.94 -35.69
CA ASN A 567 -6.90 4.69 -34.85
CA ASN A 567 -6.88 4.67 -34.89
C ASN A 567 -6.17 3.70 -33.94
N PRO A 568 -4.84 3.87 -33.75
CA PRO A 568 -4.11 2.95 -32.88
C PRO A 568 -4.58 2.90 -31.43
N VAL A 569 -4.76 1.68 -30.92
CA VAL A 569 -5.07 1.42 -29.51
C VAL A 569 -3.87 0.77 -28.82
N LEU A 570 -3.34 -0.31 -29.39
CA LEU A 570 -2.11 -0.92 -28.88
C LEU A 570 -1.15 -1.11 -30.06
N MET A 571 0.08 -0.64 -29.90
CA MET A 571 1.05 -0.57 -30.99
C MET A 571 2.44 -0.89 -30.50
N GLY A 572 3.25 -1.44 -31.39
CA GLY A 572 4.63 -1.77 -31.05
C GLY A 572 5.17 -2.95 -31.85
N GLU A 573 6.40 -3.32 -31.52
CA GLU A 573 7.11 -4.40 -32.19
C GLU A 573 8.32 -4.76 -31.36
N GLY A 574 8.84 -5.96 -31.59
CA GLY A 574 9.98 -6.47 -30.83
C GLY A 574 9.63 -6.55 -29.35
N ARG A 575 10.33 -5.75 -28.54
CA ARG A 575 10.18 -5.75 -27.09
C ARG A 575 9.53 -4.49 -26.50
N HIS A 576 9.01 -3.58 -27.34
CA HIS A 576 8.45 -2.31 -26.86
C HIS A 576 7.03 -2.08 -27.40
N TYR A 577 6.09 -1.82 -26.48
CA TYR A 577 4.67 -1.61 -26.82
C TYR A 577 4.10 -0.42 -26.06
N TYR A 578 3.19 0.30 -26.72
CA TYR A 578 2.43 1.40 -26.12
C TYR A 578 0.92 1.13 -26.25
N LEU A 579 0.19 1.36 -25.15
CA LEU A 579 -1.26 1.25 -25.11
C LEU A 579 -1.83 2.64 -24.86
N GLY A 580 -2.72 3.10 -25.74
CA GLY A 580 -3.26 4.45 -25.70
C GLY A 580 -4.69 4.59 -25.22
N SER A 581 -5.41 3.48 -25.03
CA SER A 581 -6.77 3.49 -24.48
C SER A 581 -6.91 2.49 -23.35
N CYS A 582 -7.82 2.77 -22.41
CA CYS A 582 -8.09 1.86 -21.29
C CYS A 582 -8.99 0.71 -21.75
N ILE A 583 -8.34 -0.28 -22.35
CA ILE A 583 -8.99 -1.48 -22.86
C ILE A 583 -9.60 -2.30 -21.73
N ASP A 584 -10.65 -3.05 -22.06
CA ASP A 584 -11.38 -3.85 -21.07
C ASP A 584 -10.59 -5.06 -20.55
N ASN A 585 -11.14 -5.73 -19.53
CA ASN A 585 -10.47 -6.87 -18.89
C ASN A 585 -10.09 -8.00 -19.88
N THR A 586 -10.99 -8.30 -20.81
CA THR A 586 -10.74 -9.31 -21.83
C THR A 586 -9.51 -8.98 -22.66
N LEU A 587 -9.46 -7.76 -23.16
CA LEU A 587 -8.34 -7.31 -23.99
C LEU A 587 -7.05 -7.15 -23.18
N LEU A 588 -7.16 -6.73 -21.92
CA LEU A 588 -5.99 -6.71 -21.03
C LEU A 588 -5.35 -8.08 -20.92
N LYS A 589 -6.18 -9.11 -20.69
CA LYS A 589 -5.67 -10.48 -20.62
C LYS A 589 -5.11 -10.97 -21.96
N ALA A 590 -5.81 -10.70 -23.06
CA ALA A 590 -5.32 -11.07 -24.40
C ALA A 590 -3.93 -10.48 -24.64
N SER A 591 -3.77 -9.19 -24.33
CA SER A 591 -2.53 -8.45 -24.57
C SER A 591 -1.41 -8.94 -23.64
N LEU A 592 -1.73 -9.13 -22.35
CA LEU A 592 -0.73 -9.62 -21.39
C LEU A 592 -0.27 -11.05 -21.68
N ALA A 593 -1.17 -11.89 -22.21
CA ALA A 593 -0.81 -13.23 -22.65
C ALA A 593 0.17 -13.20 -23.82
N LYS A 594 -0.07 -12.33 -24.80
CA LYS A 594 0.86 -12.16 -25.92
C LYS A 594 2.21 -11.63 -25.46
N LEU A 595 2.18 -10.62 -24.61
CA LEU A 595 3.40 -9.97 -24.11
C LEU A 595 4.22 -10.93 -23.25
N SER A 596 3.51 -11.72 -22.42
CA SER A 596 4.14 -12.76 -21.61
C SER A 596 4.85 -13.80 -22.47
N GLU A 597 4.21 -14.20 -23.59
CA GLU A 597 4.81 -15.14 -24.53
CA GLU A 597 4.81 -15.15 -24.52
C GLU A 597 6.10 -14.58 -25.11
N VAL A 598 6.08 -13.29 -25.50
CA VAL A 598 7.31 -12.65 -26.02
C VAL A 598 8.41 -12.68 -24.95
N ALA A 599 8.03 -12.46 -23.70
CA ALA A 599 8.94 -12.47 -22.56
C ALA A 599 9.35 -13.85 -22.05
N GLY A 600 8.85 -14.92 -22.64
CA GLY A 600 9.20 -16.28 -22.22
C GLY A 600 8.51 -16.77 -20.97
N LEU A 601 7.40 -16.13 -20.59
CA LEU A 601 6.64 -16.50 -19.39
C LEU A 601 5.35 -17.21 -19.78
N SER A 602 4.95 -18.19 -18.99
CA SER A 602 3.69 -18.91 -19.24
C SER A 602 2.51 -18.18 -18.60
N THR A 603 1.33 -18.40 -19.15
CA THR A 603 0.08 -17.90 -18.58
C THR A 603 -0.98 -19.01 -18.61
N TYR A 604 -1.99 -18.81 -17.77
CA TYR A 604 -3.07 -19.77 -17.59
C TYR A 604 -4.30 -18.98 -17.15
N TYR A 605 -5.41 -19.08 -17.89
CA TYR A 605 -6.66 -18.45 -17.50
C TYR A 605 -7.27 -19.28 -16.37
N LEU A 606 -7.02 -18.84 -15.14
CA LEU A 606 -7.51 -19.55 -13.95
C LEU A 606 -9.03 -19.50 -13.88
N PRO A 607 -9.65 -20.47 -13.17
CA PRO A 607 -11.10 -20.39 -12.90
C PRO A 607 -11.46 -19.12 -12.12
N LYS A 608 -12.73 -18.71 -12.23
CA LYS A 608 -13.20 -17.50 -11.56
C LYS A 608 -13.01 -17.61 -10.05
N GLY A 609 -12.41 -16.57 -9.47
CA GLY A 609 -12.17 -16.52 -8.03
C GLY A 609 -10.93 -17.24 -7.54
N VAL A 610 -10.17 -17.84 -8.45
CA VAL A 610 -8.96 -18.59 -8.11
C VAL A 610 -7.72 -17.75 -8.39
N ARG A 611 -6.72 -17.90 -7.52
CA ARG A 611 -5.46 -17.19 -7.65
C ARG A 611 -4.35 -18.16 -7.26
N VAL A 612 -3.17 -17.90 -7.80
CA VAL A 612 -1.97 -18.71 -7.56
C VAL A 612 -0.77 -17.77 -7.43
N ARG A 613 0.19 -18.18 -6.61
CA ARG A 613 1.47 -17.49 -6.52
C ARG A 613 2.56 -18.50 -6.13
N GLU A 614 3.78 -18.26 -6.59
CA GLU A 614 4.92 -19.13 -6.29
C GLU A 614 5.96 -18.47 -5.39
N ARG A 615 6.56 -19.27 -4.51
CA ARG A 615 7.79 -18.93 -3.81
C ARG A 615 8.78 -20.06 -3.99
N GLY A 616 9.76 -19.86 -4.88
CA GLY A 616 10.70 -20.90 -5.28
C GLY A 616 9.97 -22.13 -5.80
N ASN A 617 10.12 -23.24 -5.09
CA ASN A 617 9.53 -24.54 -5.43
CA ASN A 617 9.50 -24.51 -5.48
C ASN A 617 8.15 -24.77 -4.81
N VAL A 618 7.60 -23.77 -4.10
CA VAL A 618 6.28 -23.89 -3.46
C VAL A 618 5.22 -23.14 -4.28
N ILE A 619 4.08 -23.79 -4.51
CA ILE A 619 2.94 -23.22 -5.24
CA ILE A 619 2.95 -23.20 -5.24
C ILE A 619 1.80 -23.04 -4.26
N PHE A 620 1.29 -21.82 -4.14
CA PHE A 620 0.16 -21.53 -3.25
C PHE A 620 -1.08 -21.29 -4.11
N ALA A 621 -2.17 -22.00 -3.85
CA ALA A 621 -3.41 -21.80 -4.59
C ALA A 621 -4.52 -21.40 -3.64
N PHE A 622 -5.40 -20.50 -4.09
CA PHE A 622 -6.45 -19.86 -3.31
C PHE A 622 -7.78 -19.85 -4.07
N ASN A 623 -8.88 -20.07 -3.35
CA ASN A 623 -10.20 -20.01 -3.94
C ASN A 623 -11.04 -19.01 -3.15
N TYR A 624 -11.25 -17.83 -3.74
CA TYR A 624 -12.09 -16.77 -3.17
C TYR A 624 -13.59 -16.89 -3.55
N SER A 625 -13.94 -17.85 -4.42
CA SER A 625 -15.34 -18.06 -4.82
C SER A 625 -16.09 -18.85 -3.74
N SER A 626 -17.40 -18.98 -3.95
CA SER A 626 -18.30 -19.70 -3.03
CA SER A 626 -18.29 -19.71 -3.02
C SER A 626 -18.48 -21.18 -3.38
N ASN A 627 -17.76 -21.68 -4.39
CA ASN A 627 -17.88 -23.10 -4.75
C ASN A 627 -16.55 -23.80 -4.98
N THR A 628 -16.60 -25.13 -4.89
CA THR A 628 -15.43 -25.96 -5.03
C THR A 628 -14.96 -25.93 -6.49
N VAL A 629 -13.66 -25.79 -6.70
CA VAL A 629 -13.09 -25.81 -8.04
C VAL A 629 -11.79 -26.58 -8.00
N VAL A 630 -11.46 -27.19 -9.13
CA VAL A 630 -10.27 -28.02 -9.23
C VAL A 630 -9.10 -27.18 -9.72
N PHE A 631 -8.01 -27.23 -8.96
CA PHE A 631 -6.73 -26.68 -9.41
C PHE A 631 -5.65 -27.74 -9.20
N GLU A 632 -4.98 -28.11 -10.28
CA GLU A 632 -3.93 -29.11 -10.27
C GLU A 632 -2.76 -28.59 -11.08
N PRO A 633 -1.69 -28.14 -10.40
CA PRO A 633 -0.51 -27.72 -11.15
C PRO A 633 0.23 -28.95 -11.67
N GLN A 634 0.94 -28.79 -12.78
CA GLN A 634 1.67 -29.91 -13.38
C GLN A 634 3.02 -30.09 -12.65
N ASN A 635 3.47 -31.35 -12.58
CA ASN A 635 4.78 -31.70 -12.05
C ASN A 635 4.97 -31.21 -10.61
N ALA A 636 4.04 -31.59 -9.75
CA ALA A 636 4.03 -31.14 -8.37
C ALA A 636 3.22 -32.09 -7.52
N GLU A 637 3.47 -32.07 -6.22
CA GLU A 637 2.67 -32.87 -5.30
C GLU A 637 2.07 -32.03 -4.18
N LEU A 638 0.88 -32.45 -3.75
CA LEU A 638 0.13 -31.80 -2.69
C LEU A 638 0.86 -31.91 -1.36
N VAL A 639 0.96 -30.78 -0.65
CA VAL A 639 1.47 -30.75 0.74
C VAL A 639 0.35 -30.40 1.73
N ILE A 640 -0.37 -29.31 1.47
CA ILE A 640 -1.48 -28.86 2.30
C ILE A 640 -2.75 -28.78 1.45
N GLY A 641 -3.88 -29.18 2.02
CA GLY A 641 -5.19 -29.02 1.37
C GLY A 641 -5.51 -30.08 0.33
N SER A 642 -6.24 -29.69 -0.72
CA SER A 642 -6.66 -30.63 -1.76
C SER A 642 -6.70 -30.03 -3.17
N MET A 643 -6.70 -30.94 -4.13
CA MET A 643 -6.86 -30.62 -5.54
C MET A 643 -8.24 -29.99 -5.79
N CYS A 644 -9.25 -30.47 -5.04
CA CYS A 644 -10.56 -29.83 -5.01
C CYS A 644 -10.56 -28.72 -3.97
N LEU A 645 -10.24 -27.51 -4.43
CA LEU A 645 -10.19 -26.32 -3.57
C LEU A 645 -11.58 -25.91 -3.14
N GLY A 646 -11.86 -26.02 -1.84
CA GLY A 646 -13.13 -25.52 -1.29
C GLY A 646 -13.30 -24.01 -1.37
N ALA A 647 -14.52 -23.55 -1.12
CA ALA A 647 -14.79 -22.11 -0.97
C ALA A 647 -13.93 -21.54 0.16
N ALA A 648 -13.30 -20.39 -0.09
CA ALA A 648 -12.42 -19.72 0.89
C ALA A 648 -11.31 -20.65 1.43
N ASP A 649 -10.70 -21.42 0.54
CA ASP A 649 -9.77 -22.48 0.89
C ASP A 649 -8.40 -22.23 0.25
N VAL A 650 -7.40 -22.95 0.77
CA VAL A 650 -6.00 -22.83 0.37
C VAL A 650 -5.47 -24.23 0.10
N ALA A 651 -4.68 -24.38 -0.97
CA ALA A 651 -3.88 -25.58 -1.17
C ALA A 651 -2.44 -25.17 -1.47
N ILE A 652 -1.50 -26.00 -1.00
CA ILE A 652 -0.07 -25.75 -1.16
C ILE A 652 0.59 -27.00 -1.74
N TRP A 653 1.34 -26.80 -2.83
CA TRP A 653 1.99 -27.85 -3.59
C TRP A 653 3.48 -27.57 -3.64
N LYS A 654 4.28 -28.62 -3.80
CA LYS A 654 5.72 -28.49 -4.05
C LYS A 654 6.08 -29.06 -5.42
N LYS A 655 6.95 -28.36 -6.14
CA LYS A 655 7.40 -28.81 -7.45
C LYS A 655 8.25 -30.08 -7.29
N GLN A 656 8.11 -31.01 -8.24
CA GLN A 656 8.83 -32.29 -8.21
C GLN A 656 10.24 -32.13 -8.76
CL CL B . -6.04 -6.54 23.35
CL CL C . -4.61 13.36 3.01
C1 GOL D . -8.89 -1.17 12.83
O1 GOL D . -9.57 -1.92 11.79
C2 GOL D . -8.63 0.31 12.51
O2 GOL D . -8.12 0.94 13.72
C3 GOL D . -7.65 0.46 11.33
O3 GOL D . -7.58 1.79 10.78
C1 GOL E . -5.95 19.52 -3.88
O1 GOL E . -5.96 18.09 -3.67
C2 GOL E . -6.09 20.33 -2.62
O2 GOL E . -4.79 20.51 -2.05
C3 GOL E . -6.72 21.69 -2.94
O3 GOL E . -8.15 21.62 -2.88
C1 GOL F . -1.89 -0.11 33.57
O1 GOL F . -1.53 1.03 34.36
C2 GOL F . -3.09 -0.81 34.20
O2 GOL F . -4.04 0.15 34.67
C3 GOL F . -3.77 -1.72 33.17
O3 GOL F . -4.30 -2.83 33.88
C1 GOL G . -6.78 6.29 -3.11
O1 GOL G . -7.33 6.87 -1.91
C2 GOL G . -7.23 4.84 -3.30
O2 GOL G . -6.11 4.03 -3.64
C3 GOL G . -8.33 4.71 -4.36
O3 GOL G . -8.98 3.45 -4.24
C1 GOL H . -21.13 -0.14 -26.16
O1 GOL H . -21.35 -0.29 -27.56
C2 GOL H . -21.74 1.16 -25.62
O2 GOL H . -21.37 1.27 -24.23
C3 GOL H . -21.26 2.42 -26.37
O3 GOL H . -22.29 3.16 -27.02
C1 GOL I . -1.37 13.86 -23.64
O1 GOL I . -2.34 13.44 -22.63
C2 GOL I . -1.70 15.19 -24.32
O2 GOL I . -1.98 16.15 -23.30
C3 GOL I . -0.56 15.79 -25.14
O3 GOL I . -0.02 14.88 -26.10
C1 GOL J . -11.46 -20.56 25.95
O1 GOL J . -12.27 -20.05 24.88
C2 GOL J . -10.14 -19.79 26.07
O2 GOL J . -10.38 -18.38 26.23
C3 GOL J . -9.33 -20.30 27.27
O3 GOL J . -8.03 -20.75 26.85
C1 GOL K . 15.02 -6.27 31.71
O1 GOL K . 13.89 -6.54 32.55
C2 GOL K . 15.31 -4.77 31.70
O2 GOL K . 15.58 -4.32 33.04
C3 GOL K . 16.50 -4.44 30.78
O3 GOL K . 16.30 -3.20 30.11
C1 GOL L . 19.66 10.79 17.58
O1 GOL L . 19.28 10.80 18.97
C2 GOL L . 19.06 11.94 16.74
O2 GOL L . 17.80 12.33 17.27
C3 GOL L . 19.96 13.18 16.64
O3 GOL L . 20.77 13.10 15.46
C1 GOL M . 23.18 11.48 20.05
O1 GOL M . 22.00 11.65 20.83
C2 GOL M . 23.02 12.11 18.67
O2 GOL M . 23.43 13.48 18.72
C3 GOL M . 23.84 11.37 17.61
O3 GOL M . 23.08 11.26 16.40
#